data_7QRJ
#
_entry.id   7QRJ
#
_cell.length_a   154.367
_cell.length_b   103.258
_cell.length_c   102.299
_cell.angle_alpha   90.000
_cell.angle_beta   131.480
_cell.angle_gamma   90.000
#
_symmetry.space_group_name_H-M   'C 1 2 1'
#
loop_
_entity.id
_entity.type
_entity.pdbx_description
1 polymer 'Zav_19 protein'
2 water water
#
_entity_poly.entity_id   1
_entity_poly.type   'polypeptide(L)'
_entity_poly.pdbx_seq_one_letter_code
;MSISSLLEKNIYNVHNKSNTLTNVPANPTGNTNTVWSNSNFTPPHLMYGASDITQAIGNISLTTGSFSLSLSGPWASPLV
QNVAYTKINNLVNLTFPPFQANATSSAVINSAIGALPADLRPTTNIQVDFEIFVIDDGNRPVNPGLITLLSNGQIVVYKD
NNLGQFTTGIGGSGFNPFSITYMV
;
_entity_poly.pdbx_strand_id   A,B,C,D,E,F
#
# COMPACT_ATOMS: atom_id res chain seq x y z
N SER A 4 32.66 2.76 -40.57
CA SER A 4 32.02 4.01 -40.92
C SER A 4 30.68 3.72 -41.60
N SER A 5 30.59 2.56 -42.25
CA SER A 5 29.35 2.21 -42.91
C SER A 5 28.23 1.94 -41.90
N LEU A 6 28.59 1.49 -40.69
CA LEU A 6 27.62 1.28 -39.63
C LEU A 6 27.16 2.58 -38.97
N LEU A 7 27.90 3.67 -39.18
CA LEU A 7 27.61 4.93 -38.51
C LEU A 7 26.66 5.82 -39.30
N GLU A 8 26.20 5.35 -40.46
CA GLU A 8 25.16 6.01 -41.25
C GLU A 8 24.21 4.94 -41.76
N LYS A 9 23.07 5.37 -42.30
CA LYS A 9 22.06 4.43 -42.77
C LYS A 9 22.67 3.43 -43.74
N ASN A 10 22.28 2.17 -43.58
CA ASN A 10 22.76 1.08 -44.42
C ASN A 10 21.64 0.07 -44.57
N ILE A 11 21.87 -0.97 -45.37
CA ILE A 11 20.86 -2.01 -45.57
C ILE A 11 21.26 -3.28 -44.82
N TYR A 12 22.07 -3.14 -43.77
CA TYR A 12 22.62 -4.29 -43.07
C TYR A 12 21.63 -4.87 -42.06
N ASN A 13 21.33 -6.15 -42.21
CA ASN A 13 20.66 -6.90 -41.14
C ASN A 13 21.75 -7.42 -40.21
N VAL A 14 22.00 -6.68 -39.14
CA VAL A 14 23.10 -6.96 -38.21
C VAL A 14 22.68 -8.07 -37.26
N HIS A 15 23.61 -8.96 -36.96
CA HIS A 15 23.44 -9.99 -35.96
C HIS A 15 24.41 -9.74 -34.82
N ASN A 16 23.96 -9.96 -33.59
CA ASN A 16 24.85 -9.89 -32.43
C ASN A 16 24.32 -10.79 -31.32
N LYS A 17 25.25 -11.35 -30.54
CA LYS A 17 24.87 -12.15 -29.39
C LYS A 17 24.12 -11.33 -28.36
N SER A 18 24.43 -10.04 -28.26
CA SER A 18 23.68 -9.10 -27.43
C SER A 18 24.05 -7.70 -27.89
N ASN A 19 23.29 -6.72 -27.42
CA ASN A 19 23.51 -5.33 -27.78
C ASN A 19 23.47 -4.48 -26.53
N THR A 20 24.59 -3.85 -26.20
CA THR A 20 24.72 -3.07 -24.97
C THR A 20 24.67 -1.59 -25.31
N LEU A 21 23.71 -0.88 -24.70
CA LEU A 21 23.40 0.52 -24.99
C LEU A 21 23.96 1.42 -23.88
N THR A 22 24.80 2.39 -24.26
CA THR A 22 25.39 3.27 -23.26
C THR A 22 24.32 4.02 -22.48
N ASN A 23 24.46 4.04 -21.16
CA ASN A 23 23.50 4.79 -20.35
C ASN A 23 23.75 6.29 -20.54
N VAL A 24 22.74 7.00 -21.05
CA VAL A 24 22.87 8.42 -21.39
C VAL A 24 21.62 9.14 -20.97
N PRO A 25 21.73 10.46 -20.69
CA PRO A 25 20.56 11.21 -20.22
C PRO A 25 19.62 11.69 -21.32
N ALA A 26 19.98 11.55 -22.60
CA ALA A 26 19.15 12.03 -23.68
C ALA A 26 19.40 11.18 -24.92
N ASN A 27 18.38 11.08 -25.76
CA ASN A 27 18.45 10.38 -27.05
C ASN A 27 19.68 10.82 -27.84
N PRO A 28 20.65 9.93 -28.10
CA PRO A 28 21.89 10.35 -28.77
C PRO A 28 21.69 10.88 -30.19
N THR A 29 20.67 10.43 -30.91
CA THR A 29 20.46 10.91 -32.27
C THR A 29 19.30 11.88 -32.40
N GLY A 30 18.36 11.86 -31.44
CA GLY A 30 17.13 12.62 -31.55
C GLY A 30 16.03 11.93 -32.33
N ASN A 31 16.29 10.77 -32.92
CA ASN A 31 15.35 10.18 -33.86
C ASN A 31 14.36 9.25 -33.17
N THR A 32 13.16 9.17 -33.75
CA THR A 32 12.09 8.35 -33.19
C THR A 32 12.33 6.86 -33.37
N ASN A 33 13.31 6.46 -34.17
CA ASN A 33 13.61 5.05 -34.39
C ASN A 33 14.96 4.64 -33.78
N THR A 34 15.44 5.39 -32.80
CA THR A 34 16.68 5.07 -32.11
C THR A 34 16.39 4.47 -30.75
N VAL A 35 16.96 3.29 -30.51
CA VAL A 35 16.91 2.62 -29.21
C VAL A 35 18.07 3.13 -28.37
N TRP A 36 17.80 3.49 -27.11
CA TRP A 36 18.85 3.98 -26.23
C TRP A 36 18.49 3.63 -24.79
N SER A 37 19.46 3.81 -23.89
CA SER A 37 19.31 3.47 -22.48
C SER A 37 19.42 4.74 -21.65
N ASN A 38 18.40 5.00 -20.83
CA ASN A 38 18.18 6.29 -20.18
C ASN A 38 18.73 6.29 -18.76
N SER A 39 19.81 7.04 -18.54
CA SER A 39 20.51 7.11 -17.26
C SER A 39 19.83 8.03 -16.24
N ASN A 40 18.72 8.67 -16.58
CA ASN A 40 18.03 9.49 -15.60
C ASN A 40 17.36 8.65 -14.53
N PHE A 41 17.25 7.35 -14.75
CA PHE A 41 16.64 6.40 -13.83
C PHE A 41 17.66 5.36 -13.41
N THR A 42 17.47 4.80 -12.22
CA THR A 42 18.21 3.62 -11.79
C THR A 42 17.24 2.54 -11.33
N PRO A 43 17.31 1.32 -11.90
CA PRO A 43 18.12 0.97 -13.08
C PRO A 43 17.69 1.77 -14.30
N PRO A 44 18.51 1.80 -15.34
CA PRO A 44 18.20 2.64 -16.50
C PRO A 44 16.95 2.16 -17.22
N HIS A 45 16.40 3.03 -18.06
CA HIS A 45 15.17 2.74 -18.80
C HIS A 45 15.45 2.51 -20.28
N LEU A 46 14.86 1.46 -20.84
CA LEU A 46 14.94 1.21 -22.26
C LEU A 46 14.02 2.18 -23.00
N MET A 47 14.60 2.92 -23.96
CA MET A 47 13.88 3.93 -24.71
C MET A 47 13.88 3.58 -26.20
N TYR A 48 12.80 3.96 -26.87
CA TYR A 48 12.72 3.92 -28.33
C TYR A 48 12.20 5.29 -28.76
N GLY A 49 13.08 6.12 -29.30
CA GLY A 49 12.70 7.52 -29.46
C GLY A 49 12.44 8.13 -28.10
N ALA A 50 11.28 8.77 -27.95
CA ALA A 50 10.85 9.30 -26.66
C ALA A 50 10.00 8.34 -25.86
N SER A 51 9.74 7.14 -26.39
CA SER A 51 8.89 6.16 -25.73
C SER A 51 9.70 5.40 -24.68
N ASP A 52 9.28 5.50 -23.41
CA ASP A 52 9.96 4.85 -22.29
C ASP A 52 9.29 3.50 -22.01
N ILE A 53 9.91 2.44 -22.52
CA ILE A 53 9.35 1.10 -22.40
C ILE A 53 9.36 0.65 -20.94
N THR A 54 10.50 0.83 -20.27
CA THR A 54 10.63 0.40 -18.87
C THR A 54 9.60 1.09 -17.97
N GLN A 55 9.40 2.40 -18.16
CA GLN A 55 8.45 3.12 -17.31
C GLN A 55 7.03 2.60 -17.50
N ALA A 56 6.64 2.34 -18.74
CA ALA A 56 5.27 1.91 -19.00
C ALA A 56 5.00 0.56 -18.35
N ILE A 57 5.95 -0.36 -18.43
CA ILE A 57 5.76 -1.67 -17.83
C ILE A 57 5.78 -1.57 -16.31
N GLY A 58 6.66 -0.73 -15.77
CA GLY A 58 6.74 -0.58 -14.32
C GLY A 58 5.53 0.10 -13.71
N ASN A 59 4.75 0.81 -14.52
CA ASN A 59 3.62 1.59 -14.05
C ASN A 59 2.38 0.73 -13.82
N ILE A 60 2.38 -0.52 -14.27
CA ILE A 60 1.23 -1.41 -14.12
C ILE A 60 1.72 -2.72 -13.50
N SER A 61 1.06 -3.14 -12.42
CA SER A 61 1.47 -4.32 -11.64
C SER A 61 0.26 -5.25 -11.48
N LEU A 62 0.24 -6.34 -12.25
CA LEU A 62 -0.88 -7.27 -12.26
C LEU A 62 -0.50 -8.60 -11.62
N THR A 63 -1.33 -9.06 -10.69
CA THR A 63 -1.27 -10.42 -10.18
C THR A 63 -2.65 -11.06 -10.34
N THR A 64 -2.67 -12.39 -10.43
CA THR A 64 -3.93 -13.08 -10.64
C THR A 64 -3.79 -14.52 -10.17
N GLY A 65 -4.93 -15.13 -9.84
CA GLY A 65 -4.95 -16.48 -9.36
C GLY A 65 -6.28 -16.77 -8.67
N SER A 66 -6.24 -17.60 -7.63
N SER A 66 -6.23 -17.58 -7.61
CA SER A 66 -7.43 -17.92 -6.86
CA SER A 66 -7.43 -17.88 -6.85
C SER A 66 -7.03 -18.18 -5.41
C SER A 66 -7.03 -18.14 -5.40
N PHE A 67 -8.01 -18.09 -4.52
CA PHE A 67 -7.81 -18.43 -3.11
C PHE A 67 -8.98 -19.28 -2.63
N SER A 68 -8.70 -20.21 -1.73
CA SER A 68 -9.76 -21.05 -1.17
C SER A 68 -10.59 -20.23 -0.18
N LEU A 69 -11.91 -20.35 -0.28
CA LEU A 69 -12.83 -19.61 0.59
C LEU A 69 -13.84 -20.57 1.19
N SER A 70 -13.94 -20.57 2.52
CA SER A 70 -14.95 -21.34 3.23
C SER A 70 -16.06 -20.41 3.71
N LEU A 71 -17.29 -20.66 3.26
CA LEU A 71 -18.46 -19.90 3.68
C LEU A 71 -19.39 -20.81 4.46
N SER A 72 -20.10 -20.24 5.43
CA SER A 72 -21.01 -21.01 6.24
C SER A 72 -22.18 -20.15 6.70
N GLY A 73 -23.15 -20.79 7.33
CA GLY A 73 -24.27 -20.10 7.91
C GLY A 73 -25.54 -20.93 7.84
N PRO A 74 -26.29 -20.76 6.74
CA PRO A 74 -27.57 -21.47 6.62
C PRO A 74 -27.42 -22.95 6.30
N TRP A 75 -26.28 -23.38 5.78
CA TRP A 75 -26.11 -24.74 5.32
C TRP A 75 -25.75 -25.69 6.46
N ALA A 76 -25.91 -26.98 6.20
CA ALA A 76 -25.60 -28.00 7.20
C ALA A 76 -24.11 -28.02 7.53
N SER A 77 -23.27 -27.71 6.55
CA SER A 77 -21.83 -27.67 6.73
C SER A 77 -21.26 -26.58 5.84
N PRO A 78 -20.03 -26.12 6.11
CA PRO A 78 -19.44 -25.08 5.25
C PRO A 78 -19.26 -25.56 3.82
N LEU A 79 -19.31 -24.60 2.90
CA LEU A 79 -18.97 -24.83 1.50
C LEU A 79 -17.63 -24.19 1.21
N VAL A 80 -16.75 -24.92 0.53
CA VAL A 80 -15.39 -24.47 0.27
C VAL A 80 -15.15 -24.50 -1.23
N GLN A 81 -14.87 -23.33 -1.81
CA GLN A 81 -14.59 -23.21 -3.24
C GLN A 81 -13.48 -22.19 -3.45
N ASN A 82 -12.88 -22.24 -4.63
CA ASN A 82 -11.85 -21.26 -4.98
C ASN A 82 -12.49 -20.03 -5.59
N VAL A 83 -12.12 -18.86 -5.09
CA VAL A 83 -12.56 -17.59 -5.63
C VAL A 83 -11.42 -17.04 -6.49
N ALA A 84 -11.72 -16.68 -7.74
CA ALA A 84 -10.71 -16.14 -8.64
C ALA A 84 -10.51 -14.65 -8.39
N TYR A 85 -9.28 -14.18 -8.57
CA TYR A 85 -9.02 -12.76 -8.39
C TYR A 85 -8.04 -12.24 -9.43
N THR A 86 -8.10 -10.93 -9.66
CA THR A 86 -7.08 -10.17 -10.36
C THR A 86 -6.81 -8.91 -9.54
N LYS A 87 -5.54 -8.54 -9.38
CA LYS A 87 -5.21 -7.27 -8.76
C LYS A 87 -4.29 -6.52 -9.72
N ILE A 88 -4.68 -5.30 -10.07
CA ILE A 88 -3.89 -4.43 -10.93
C ILE A 88 -3.65 -3.15 -10.15
N ASN A 89 -2.41 -2.94 -9.70
CA ASN A 89 -2.10 -1.81 -8.83
C ASN A 89 -3.01 -1.88 -7.60
N ASN A 90 -3.91 -0.91 -7.41
CA ASN A 90 -4.81 -0.94 -6.26
C ASN A 90 -6.19 -1.48 -6.59
N LEU A 91 -6.41 -1.92 -7.83
CA LEU A 91 -7.72 -2.38 -8.29
C LEU A 91 -7.84 -3.90 -8.19
N VAL A 92 -8.95 -4.37 -7.61
CA VAL A 92 -9.20 -5.79 -7.39
C VAL A 92 -10.48 -6.23 -8.08
N ASN A 93 -10.43 -7.38 -8.75
CA ASN A 93 -11.62 -8.11 -9.14
C ASN A 93 -11.69 -9.43 -8.39
N LEU A 94 -12.89 -9.79 -7.92
CA LEU A 94 -13.17 -11.12 -7.38
C LEU A 94 -14.28 -11.74 -8.21
N THR A 95 -14.08 -12.98 -8.66
CA THR A 95 -15.11 -13.70 -9.42
C THR A 95 -15.42 -14.98 -8.67
N PHE A 96 -16.65 -15.07 -8.14
CA PHE A 96 -17.08 -16.14 -7.27
C PHE A 96 -17.75 -17.25 -8.09
N PRO A 97 -17.40 -18.51 -7.82
CA PRO A 97 -18.16 -19.65 -8.35
C PRO A 97 -19.46 -19.80 -7.58
N PRO A 98 -20.33 -20.75 -7.94
CA PRO A 98 -21.58 -20.91 -7.19
C PRO A 98 -21.30 -21.39 -5.77
N PHE A 99 -22.00 -20.82 -4.79
CA PHE A 99 -22.08 -21.40 -3.46
C PHE A 99 -23.58 -21.59 -3.19
N GLN A 100 -24.06 -22.83 -3.27
CA GLN A 100 -25.47 -23.13 -3.03
C GLN A 100 -25.60 -24.50 -2.41
N ALA A 101 -26.47 -24.60 -1.42
CA ALA A 101 -26.85 -25.86 -0.81
C ALA A 101 -28.17 -25.61 -0.09
N ASN A 102 -28.81 -26.69 0.35
CA ASN A 102 -30.03 -26.52 1.13
C ASN A 102 -29.72 -25.87 2.48
N ALA A 103 -30.70 -25.14 2.99
CA ALA A 103 -30.54 -24.43 4.25
C ALA A 103 -31.20 -25.22 5.38
N THR A 104 -30.44 -25.49 6.44
CA THR A 104 -30.99 -26.15 7.61
C THR A 104 -31.20 -25.19 8.76
N SER A 105 -30.78 -23.93 8.60
CA SER A 105 -31.06 -22.90 9.58
C SER A 105 -31.21 -21.58 8.83
N SER A 106 -31.77 -20.60 9.52
N SER A 106 -31.74 -20.59 9.54
CA SER A 106 -31.87 -19.26 8.96
CA SER A 106 -31.88 -19.24 9.01
C SER A 106 -30.68 -18.44 9.42
C SER A 106 -30.67 -18.42 9.43
N ALA A 107 -29.90 -17.95 8.45
CA ALA A 107 -28.67 -17.24 8.76
C ALA A 107 -28.17 -16.51 7.52
N VAL A 108 -27.36 -15.48 7.77
CA VAL A 108 -26.57 -14.86 6.70
C VAL A 108 -25.46 -15.84 6.33
N ILE A 109 -24.81 -15.61 5.19
CA ILE A 109 -23.64 -16.36 4.78
C ILE A 109 -22.41 -15.54 5.15
N ASN A 110 -21.43 -16.17 5.79
CA ASN A 110 -20.19 -15.43 6.01
C ASN A 110 -18.97 -16.34 6.06
N SER A 111 -17.82 -15.71 5.90
CA SER A 111 -16.53 -16.34 6.10
C SER A 111 -16.04 -16.03 7.52
N ALA A 112 -14.91 -16.64 7.86
CA ALA A 112 -14.16 -16.20 9.04
C ALA A 112 -13.46 -14.86 8.75
N ILE A 113 -13.01 -14.21 9.83
CA ILE A 113 -12.20 -13.01 9.69
C ILE A 113 -10.87 -13.39 9.05
N GLY A 114 -10.38 -12.54 8.13
CA GLY A 114 -9.13 -12.82 7.45
C GLY A 114 -9.24 -13.72 6.24
N ALA A 115 -10.46 -14.07 5.81
CA ALA A 115 -10.62 -14.98 4.68
C ALA A 115 -10.13 -14.38 3.37
N LEU A 116 -10.41 -13.09 3.13
CA LEU A 116 -9.84 -12.43 1.97
C LEU A 116 -8.33 -12.33 2.14
N PRO A 117 -7.53 -12.67 1.13
CA PRO A 117 -6.08 -12.45 1.24
C PRO A 117 -5.78 -11.01 1.60
N ALA A 118 -4.73 -10.82 2.41
CA ALA A 118 -4.40 -9.49 2.92
C ALA A 118 -4.33 -8.44 1.82
N ASP A 119 -3.72 -8.77 0.68
CA ASP A 119 -3.53 -7.76 -0.37
C ASP A 119 -4.81 -7.44 -1.13
N LEU A 120 -5.92 -8.12 -0.84
CA LEU A 120 -7.20 -7.82 -1.46
C LEU A 120 -8.17 -7.14 -0.51
N ARG A 121 -7.79 -6.96 0.74
CA ARG A 121 -8.70 -6.38 1.72
C ARG A 121 -8.84 -4.87 1.52
N PRO A 122 -10.04 -4.33 1.62
CA PRO A 122 -10.19 -2.88 1.66
C PRO A 122 -9.36 -2.28 2.79
N THR A 123 -8.65 -1.19 2.46
CA THR A 123 -7.91 -0.39 3.43
C THR A 123 -8.36 1.06 3.44
N THR A 124 -8.85 1.57 2.32
CA THR A 124 -9.33 2.95 2.26
C THR A 124 -10.69 3.07 2.92
N ASN A 125 -11.45 1.98 2.94
CA ASN A 125 -12.79 1.94 3.49
C ASN A 125 -12.93 0.74 4.42
N ILE A 126 -13.83 0.85 5.38
CA ILE A 126 -14.05 -0.23 6.35
C ILE A 126 -14.81 -1.38 5.71
N GLN A 127 -15.73 -1.10 4.80
CA GLN A 127 -16.42 -2.11 4.02
C GLN A 127 -16.68 -1.55 2.64
N VAL A 128 -16.85 -2.45 1.66
CA VAL A 128 -17.30 -2.08 0.33
C VAL A 128 -18.46 -3.00 -0.02
N ASP A 129 -19.54 -2.42 -0.55
CA ASP A 129 -20.82 -3.10 -0.72
C ASP A 129 -21.20 -3.25 -2.18
N PHE A 130 -21.83 -4.38 -2.51
CA PHE A 130 -22.26 -4.67 -3.88
C PHE A 130 -23.62 -5.37 -3.92
N GLU A 131 -24.47 -4.94 -4.85
CA GLU A 131 -25.73 -5.63 -5.13
C GLU A 131 -25.47 -6.83 -6.03
N ILE A 132 -25.97 -8.00 -5.62
CA ILE A 132 -25.77 -9.23 -6.37
C ILE A 132 -27.07 -10.04 -6.34
N PHE A 133 -27.22 -10.92 -7.33
CA PHE A 133 -28.37 -11.82 -7.40
C PHE A 133 -28.14 -13.04 -6.52
N VAL A 134 -29.06 -13.28 -5.57
CA VAL A 134 -28.99 -14.45 -4.69
C VAL A 134 -30.27 -15.28 -4.81
N ILE A 135 -30.20 -16.52 -4.32
N ILE A 135 -30.19 -16.53 -4.37
CA ILE A 135 -31.29 -17.50 -4.41
CA ILE A 135 -31.33 -17.44 -4.38
C ILE A 135 -31.55 -18.06 -3.02
C ILE A 135 -31.57 -17.93 -2.96
N ASP A 136 -32.81 -18.31 -2.70
CA ASP A 136 -33.17 -18.79 -1.37
C ASP A 136 -34.27 -19.84 -1.51
N ASP A 137 -34.00 -21.07 -1.06
CA ASP A 137 -34.96 -22.16 -1.12
C ASP A 137 -35.44 -22.42 -2.56
N GLY A 138 -34.50 -22.33 -3.51
CA GLY A 138 -34.81 -22.48 -4.91
C GLY A 138 -35.50 -21.29 -5.55
N ASN A 139 -35.96 -20.32 -4.76
CA ASN A 139 -36.63 -19.15 -5.33
C ASN A 139 -35.60 -18.13 -5.79
N ARG A 140 -35.98 -17.37 -6.80
CA ARG A 140 -35.16 -16.29 -7.37
C ARG A 140 -35.80 -14.97 -6.94
N PRO A 141 -35.45 -14.44 -5.76
CA PRO A 141 -36.13 -13.25 -5.27
C PRO A 141 -35.82 -12.02 -6.11
N VAL A 142 -36.82 -11.14 -6.25
CA VAL A 142 -36.64 -9.94 -7.05
C VAL A 142 -35.74 -8.91 -6.35
N ASN A 143 -35.73 -8.88 -5.01
CA ASN A 143 -34.81 -7.98 -4.32
C ASN A 143 -33.38 -8.48 -4.46
N PRO A 144 -32.42 -7.58 -4.67
CA PRO A 144 -31.02 -8.01 -4.73
C PRO A 144 -30.53 -8.48 -3.37
N GLY A 145 -29.60 -9.45 -3.41
CA GLY A 145 -28.76 -9.72 -2.27
C GLY A 145 -27.66 -8.69 -2.15
N LEU A 146 -26.89 -8.79 -1.06
CA LEU A 146 -25.83 -7.82 -0.78
C LEU A 146 -24.59 -8.57 -0.30
N ILE A 147 -23.44 -8.28 -0.91
CA ILE A 147 -22.16 -8.76 -0.40
C ILE A 147 -21.39 -7.57 0.15
N THR A 148 -20.84 -7.73 1.34
CA THR A 148 -20.00 -6.71 1.96
C THR A 148 -18.62 -7.29 2.22
N LEU A 149 -17.59 -6.62 1.70
CA LEU A 149 -16.19 -7.01 1.96
C LEU A 149 -15.65 -6.11 3.05
N LEU A 150 -15.21 -6.70 4.16
CA LEU A 150 -14.74 -5.91 5.29
C LEU A 150 -13.22 -5.78 5.28
N SER A 151 -12.73 -4.69 5.89
CA SER A 151 -11.30 -4.44 5.96
C SER A 151 -10.54 -5.50 6.75
N ASN A 152 -11.21 -6.21 7.66
CA ASN A 152 -10.56 -7.31 8.38
C ASN A 152 -10.53 -8.60 7.57
N GLY A 153 -11.02 -8.56 6.32
CA GLY A 153 -10.98 -9.72 5.48
C GLY A 153 -12.18 -10.63 5.56
N GLN A 154 -13.15 -10.33 6.42
CA GLN A 154 -14.38 -11.11 6.42
C GLN A 154 -15.23 -10.76 5.21
N ILE A 155 -15.92 -11.77 4.67
CA ILE A 155 -16.90 -11.63 3.60
C ILE A 155 -18.26 -12.01 4.18
N VAL A 156 -19.27 -11.17 3.94
CA VAL A 156 -20.62 -11.45 4.37
C VAL A 156 -21.55 -11.32 3.17
N VAL A 157 -22.43 -12.29 2.97
CA VAL A 157 -23.46 -12.26 1.93
C VAL A 157 -24.83 -12.34 2.59
N TYR A 158 -25.67 -11.36 2.30
CA TYR A 158 -27.01 -11.24 2.83
C TYR A 158 -28.05 -11.59 1.78
N LYS A 159 -29.20 -12.08 2.24
CA LYS A 159 -30.30 -12.40 1.34
C LYS A 159 -30.90 -11.15 0.72
N ASP A 160 -30.88 -10.02 1.43
CA ASP A 160 -31.34 -8.74 0.88
C ASP A 160 -30.53 -7.61 1.52
N ASN A 161 -30.83 -6.37 1.13
CA ASN A 161 -30.09 -5.22 1.64
C ASN A 161 -30.37 -4.94 3.12
N ASN A 162 -31.42 -5.53 3.69
CA ASN A 162 -31.82 -5.21 5.06
C ASN A 162 -31.35 -6.27 6.04
N LEU A 163 -30.08 -6.67 5.92
CA LEU A 163 -29.48 -7.69 6.78
C LEU A 163 -30.20 -9.04 6.66
N GLY A 164 -30.82 -9.29 5.51
CA GLY A 164 -31.68 -10.44 5.38
C GLY A 164 -30.93 -11.75 5.49
N GLN A 165 -31.59 -12.75 6.07
CA GLN A 165 -31.01 -14.07 6.22
C GLN A 165 -31.59 -15.03 5.20
N PHE A 166 -30.78 -16.02 4.82
CA PHE A 166 -31.29 -17.14 4.04
C PHE A 166 -32.13 -18.01 4.95
N THR A 167 -33.01 -18.81 4.36
CA THR A 167 -34.14 -19.39 5.08
C THR A 167 -34.09 -20.90 5.03
N THR A 168 -34.37 -21.55 6.17
CA THR A 168 -34.45 -23.00 6.21
C THR A 168 -35.40 -23.51 5.13
N GLY A 169 -34.94 -24.48 4.36
CA GLY A 169 -35.78 -25.05 3.33
C GLY A 169 -34.95 -25.69 2.24
N ILE A 170 -35.67 -26.31 1.31
CA ILE A 170 -35.07 -27.06 0.21
C ILE A 170 -35.08 -26.19 -1.04
N GLY A 171 -34.31 -26.60 -2.03
CA GLY A 171 -34.25 -25.93 -3.32
C GLY A 171 -32.95 -25.21 -3.58
N GLY A 172 -32.17 -24.94 -2.54
CA GLY A 172 -30.89 -24.29 -2.70
C GLY A 172 -30.91 -22.84 -2.27
N SER A 173 -29.97 -22.46 -1.41
CA SER A 173 -29.80 -21.09 -0.96
C SER A 173 -28.36 -20.68 -1.12
N GLY A 174 -28.14 -19.44 -1.58
CA GLY A 174 -26.80 -18.98 -1.88
C GLY A 174 -26.81 -18.16 -3.13
N PHE A 175 -25.92 -18.47 -4.08
CA PHE A 175 -25.85 -17.63 -5.28
C PHE A 175 -25.25 -18.38 -6.45
N ASN A 176 -25.69 -17.99 -7.65
CA ASN A 176 -25.01 -18.27 -8.89
C ASN A 176 -23.72 -17.45 -8.97
N PRO A 177 -22.80 -17.80 -9.87
CA PRO A 177 -21.55 -17.04 -9.97
C PRO A 177 -21.80 -15.56 -10.23
N PHE A 178 -20.94 -14.72 -9.64
CA PHE A 178 -21.03 -13.28 -9.79
C PHE A 178 -19.63 -12.72 -9.71
N SER A 179 -19.50 -11.42 -10.00
CA SER A 179 -18.20 -10.79 -9.92
C SER A 179 -18.35 -9.37 -9.39
N ILE A 180 -17.35 -8.94 -8.61
CA ILE A 180 -17.31 -7.59 -8.05
C ILE A 180 -15.91 -7.02 -8.21
N THR A 181 -15.84 -5.71 -8.38
CA THR A 181 -14.57 -5.02 -8.66
C THR A 181 -14.48 -3.76 -7.82
N TYR A 182 -13.31 -3.49 -7.24
CA TYR A 182 -13.16 -2.38 -6.31
C TYR A 182 -11.68 -2.06 -6.10
N MET A 183 -11.40 -0.81 -5.75
CA MET A 183 -10.07 -0.46 -5.25
C MET A 183 -9.98 -0.66 -3.75
N VAL A 184 -8.83 -1.12 -3.29
CA VAL A 184 -8.65 -1.35 -1.86
C VAL A 184 -8.72 -0.03 -1.10
N ILE B 3 36.11 -4.28 -35.92
CA ILE B 3 35.28 -5.22 -35.16
C ILE B 3 35.58 -5.13 -33.68
N SER B 4 36.88 -5.15 -33.34
CA SER B 4 37.28 -5.11 -31.95
C SER B 4 36.71 -3.88 -31.23
N SER B 5 36.61 -2.75 -31.94
CA SER B 5 36.09 -1.53 -31.34
C SER B 5 34.61 -1.65 -31.00
N LEU B 6 33.88 -2.54 -31.67
CA LEU B 6 32.47 -2.78 -31.38
C LEU B 6 32.27 -3.71 -30.18
N LEU B 7 33.32 -4.41 -29.75
CA LEU B 7 33.22 -5.40 -28.69
C LEU B 7 33.49 -4.81 -27.31
N GLU B 8 33.75 -3.51 -27.25
CA GLU B 8 33.90 -2.80 -25.99
C GLU B 8 33.26 -1.43 -26.17
N LYS B 9 33.15 -0.69 -25.07
CA LYS B 9 32.46 0.60 -25.10
C LYS B 9 33.06 1.52 -26.16
N ASN B 10 32.17 2.21 -26.87
CA ASN B 10 32.53 3.15 -27.92
C ASN B 10 31.50 4.26 -27.93
N ILE B 11 31.69 5.25 -28.81
CA ILE B 11 30.72 6.32 -28.95
C ILE B 11 29.91 6.19 -30.23
N TYR B 12 29.81 4.98 -30.77
CA TYR B 12 29.16 4.74 -32.06
C TYR B 12 27.65 4.77 -31.94
N ASN B 13 27.01 5.65 -32.71
CA ASN B 13 25.57 5.55 -32.98
C ASN B 13 25.40 4.64 -34.19
N VAL B 14 25.16 3.37 -33.91
CA VAL B 14 25.08 2.34 -34.94
C VAL B 14 23.72 2.39 -35.62
N HIS B 15 23.75 2.22 -36.94
CA HIS B 15 22.55 2.08 -37.76
C HIS B 15 22.52 0.67 -38.32
N ASN B 16 21.33 0.08 -38.34
CA ASN B 16 21.13 -1.21 -38.98
C ASN B 16 19.69 -1.33 -39.47
N LYS B 17 19.51 -2.03 -40.60
CA LYS B 17 18.17 -2.29 -41.10
C LYS B 17 17.37 -3.13 -40.12
N SER B 18 18.03 -4.00 -39.37
CA SER B 18 17.41 -4.72 -38.27
C SER B 18 18.54 -5.25 -37.39
N ASN B 19 18.18 -5.73 -36.21
CA ASN B 19 19.14 -6.27 -35.26
C ASN B 19 18.63 -7.61 -34.75
N THR B 20 19.36 -8.68 -35.04
CA THR B 20 18.96 -10.02 -34.65
C THR B 20 19.78 -10.45 -33.43
N LEU B 21 19.08 -10.78 -32.35
CA LEU B 21 19.69 -11.13 -31.06
C LEU B 21 19.70 -12.64 -30.90
N THR B 22 20.89 -13.24 -30.79
CA THR B 22 21.00 -14.69 -30.61
C THR B 22 20.18 -15.13 -29.40
N ASN B 23 19.42 -16.21 -29.54
CA ASN B 23 18.70 -16.73 -28.39
C ASN B 23 19.67 -17.41 -27.44
N VAL B 24 19.77 -16.89 -26.22
CA VAL B 24 20.76 -17.35 -25.24
C VAL B 24 20.08 -17.56 -23.89
N PRO B 25 20.61 -18.43 -23.03
CA PRO B 25 19.90 -18.74 -21.77
C PRO B 25 20.14 -17.76 -20.64
N ALA B 26 21.06 -16.81 -20.81
CA ALA B 26 21.37 -15.85 -19.75
C ALA B 26 21.95 -14.61 -20.39
N ASN B 27 21.76 -13.47 -19.72
CA ASN B 27 22.35 -12.20 -20.13
C ASN B 27 23.84 -12.39 -20.39
N PRO B 28 24.30 -12.21 -21.64
CA PRO B 28 25.71 -12.52 -21.96
C PRO B 28 26.73 -11.59 -21.32
N THR B 29 26.33 -10.39 -20.88
CA THR B 29 27.24 -9.49 -20.18
C THR B 29 26.94 -9.34 -18.71
N GLY B 30 25.73 -9.65 -18.27
CA GLY B 30 25.30 -9.37 -16.93
C GLY B 30 24.84 -7.95 -16.67
N ASN B 31 24.97 -7.05 -17.65
CA ASN B 31 24.71 -5.64 -17.39
C ASN B 31 23.25 -5.26 -17.59
N THR B 32 22.81 -4.28 -16.81
CA THR B 32 21.41 -3.85 -16.83
C THR B 32 21.05 -3.08 -18.09
N ASN B 33 22.03 -2.71 -18.92
CA ASN B 33 21.79 -2.00 -20.18
C ASN B 33 22.07 -2.87 -21.40
N THR B 34 22.09 -4.19 -21.22
CA THR B 34 22.28 -5.11 -22.33
C THR B 34 20.95 -5.70 -22.79
N VAL B 35 20.67 -5.55 -24.08
CA VAL B 35 19.49 -6.15 -24.71
C VAL B 35 19.87 -7.54 -25.22
N TRP B 36 19.03 -8.52 -24.94
CA TRP B 36 19.31 -9.89 -25.36
C TRP B 36 17.99 -10.64 -25.54
N SER B 37 18.10 -11.85 -26.11
CA SER B 37 16.94 -12.66 -26.44
C SER B 37 17.06 -13.98 -25.69
N ASN B 38 16.00 -14.35 -24.96
CA ASN B 38 16.05 -15.39 -23.94
C ASN B 38 15.56 -16.73 -24.49
N SER B 39 16.47 -17.71 -24.60
CA SER B 39 16.18 -19.03 -25.15
C SER B 39 15.50 -19.97 -24.16
N ASN B 40 15.25 -19.55 -22.93
CA ASN B 40 14.54 -20.40 -22.00
C ASN B 40 13.06 -20.51 -22.32
N PHE B 41 12.58 -19.70 -23.27
CA PHE B 41 11.22 -19.69 -23.74
C PHE B 41 11.22 -19.91 -25.25
N THR B 42 10.17 -20.56 -25.74
CA THR B 42 9.91 -20.61 -27.19
C THR B 42 8.48 -20.18 -27.45
N PRO B 43 8.23 -19.15 -28.26
CA PRO B 43 9.25 -18.28 -28.87
C PRO B 43 10.06 -17.53 -27.81
N PRO B 44 11.22 -16.99 -28.19
CA PRO B 44 12.10 -16.38 -27.18
C PRO B 44 11.51 -15.09 -26.63
N HIS B 45 12.10 -14.62 -25.54
CA HIS B 45 11.68 -13.38 -24.88
C HIS B 45 12.72 -12.27 -25.02
N LEU B 46 12.23 -11.06 -25.32
CA LEU B 46 13.09 -9.88 -25.35
C LEU B 46 13.42 -9.43 -23.94
N MET B 47 14.72 -9.30 -23.66
CA MET B 47 15.23 -8.93 -22.35
C MET B 47 15.99 -7.62 -22.42
N TYR B 48 15.92 -6.86 -21.33
CA TYR B 48 16.76 -5.68 -21.12
C TYR B 48 17.32 -5.78 -19.71
N GLY B 49 18.61 -6.08 -19.60
CA GLY B 49 19.14 -6.44 -18.29
C GLY B 49 18.46 -7.70 -17.80
N ALA B 50 17.94 -7.65 -16.56
CA ALA B 50 17.18 -8.75 -15.99
C ALA B 50 15.69 -8.62 -16.25
N SER B 51 15.26 -7.56 -16.93
N SER B 51 15.26 -7.57 -16.95
CA SER B 51 13.84 -7.34 -17.18
CA SER B 51 13.84 -7.33 -17.19
C SER B 51 13.40 -8.13 -18.41
C SER B 51 13.37 -8.09 -18.42
N ASP B 52 12.36 -8.93 -18.25
CA ASP B 52 11.78 -9.69 -19.36
C ASP B 52 10.62 -8.87 -19.93
N ILE B 53 10.89 -8.19 -21.04
N ILE B 53 10.88 -8.19 -21.05
CA ILE B 53 9.89 -7.33 -21.68
CA ILE B 53 9.87 -7.33 -21.64
C ILE B 53 8.72 -8.16 -22.20
C ILE B 53 8.72 -8.16 -22.20
N THR B 54 9.02 -9.26 -22.89
CA THR B 54 7.98 -10.11 -23.44
C THR B 54 7.06 -10.64 -22.35
N GLN B 55 7.63 -11.14 -21.26
CA GLN B 55 6.80 -11.72 -20.21
C GLN B 55 5.97 -10.64 -19.52
N ALA B 56 6.55 -9.47 -19.29
CA ALA B 56 5.80 -8.41 -18.63
C ALA B 56 4.60 -8.00 -19.46
N ILE B 57 4.80 -7.83 -20.77
CA ILE B 57 3.68 -7.51 -21.65
C ILE B 57 2.66 -8.64 -21.66
N GLY B 58 3.13 -9.89 -21.66
CA GLY B 58 2.22 -11.03 -21.70
C GLY B 58 1.46 -11.23 -20.40
N ASN B 59 2.01 -10.78 -19.27
CA ASN B 59 1.32 -10.88 -18.01
C ASN B 59 0.13 -9.95 -17.98
N ILE B 60 0.22 -8.81 -18.66
CA ILE B 60 -0.92 -7.93 -18.78
C ILE B 60 -1.89 -8.47 -19.82
N SER B 61 -1.38 -8.86 -20.98
CA SER B 61 -2.18 -9.40 -22.09
C SER B 61 -3.49 -8.63 -22.28
N LEU B 62 -3.35 -7.35 -22.62
CA LEU B 62 -4.51 -6.48 -22.80
C LEU B 62 -4.98 -6.46 -24.26
N THR B 63 -6.29 -6.62 -24.44
CA THR B 63 -6.93 -6.32 -25.70
C THR B 63 -8.17 -5.45 -25.42
N THR B 64 -8.57 -4.68 -26.41
CA THR B 64 -9.73 -3.81 -26.24
C THR B 64 -10.29 -3.48 -27.62
N GLY B 65 -11.58 -3.15 -27.64
CA GLY B 65 -12.27 -2.84 -28.88
C GLY B 65 -13.75 -3.00 -28.69
N SER B 66 -14.44 -3.52 -29.70
CA SER B 66 -15.86 -3.76 -29.58
C SER B 66 -16.24 -4.93 -30.47
N PHE B 67 -17.42 -5.48 -30.23
CA PHE B 67 -17.97 -6.49 -31.12
C PHE B 67 -19.43 -6.17 -31.40
N SER B 68 -19.88 -6.51 -32.59
CA SER B 68 -21.28 -6.31 -32.94
C SER B 68 -22.12 -7.35 -32.24
N LEU B 69 -23.24 -6.90 -31.63
CA LEU B 69 -24.14 -7.79 -30.89
C LEU B 69 -25.56 -7.57 -31.37
N SER B 70 -26.21 -8.66 -31.78
CA SER B 70 -27.61 -8.65 -32.16
C SER B 70 -28.45 -9.23 -31.02
N LEU B 71 -29.37 -8.45 -30.48
CA LEU B 71 -30.28 -8.91 -29.44
C LEU B 71 -31.71 -8.90 -29.97
N SER B 72 -32.54 -9.81 -29.46
CA SER B 72 -33.91 -9.91 -29.93
C SER B 72 -34.79 -10.44 -28.81
N GLY B 73 -36.10 -10.43 -29.09
CA GLY B 73 -37.08 -10.98 -28.17
C GLY B 73 -38.36 -10.20 -28.20
N PRO B 74 -38.45 -9.17 -27.35
CA PRO B 74 -39.71 -8.42 -27.24
C PRO B 74 -39.95 -7.43 -28.37
N TRP B 75 -38.91 -7.06 -29.11
CA TRP B 75 -39.02 -6.04 -30.15
C TRP B 75 -39.49 -6.66 -31.46
N ALA B 76 -39.94 -5.79 -32.37
CA ALA B 76 -40.43 -6.26 -33.67
C ALA B 76 -39.30 -6.82 -34.54
N SER B 77 -38.07 -6.36 -34.31
CA SER B 77 -36.90 -6.77 -35.08
C SER B 77 -35.71 -6.75 -34.15
N PRO B 78 -34.65 -7.47 -34.48
CA PRO B 78 -33.44 -7.42 -33.65
C PRO B 78 -32.84 -6.02 -33.62
N LEU B 79 -32.21 -5.70 -32.50
CA LEU B 79 -31.42 -4.49 -32.36
C LEU B 79 -29.95 -4.87 -32.40
N VAL B 80 -29.16 -4.13 -33.17
CA VAL B 80 -27.77 -4.46 -33.41
C VAL B 80 -26.92 -3.24 -33.01
N GLN B 81 -26.03 -3.43 -32.04
CA GLN B 81 -25.14 -2.36 -31.59
C GLN B 81 -23.79 -2.96 -31.22
N ASN B 82 -22.78 -2.11 -31.16
CA ASN B 82 -21.44 -2.53 -30.75
C ASN B 82 -21.31 -2.50 -29.24
N VAL B 83 -20.88 -3.60 -28.65
CA VAL B 83 -20.56 -3.68 -27.24
C VAL B 83 -19.06 -3.50 -27.06
N ALA B 84 -18.66 -2.55 -26.24
CA ALA B 84 -17.25 -2.31 -25.97
C ALA B 84 -16.71 -3.32 -24.97
N TYR B 85 -15.44 -3.69 -25.14
CA TYR B 85 -14.82 -4.64 -24.22
C TYR B 85 -13.37 -4.26 -23.93
N THR B 86 -12.90 -4.73 -22.79
CA THR B 86 -11.48 -4.76 -22.45
C THR B 86 -11.22 -6.13 -21.85
N LYS B 87 -10.13 -6.77 -22.24
CA LYS B 87 -9.69 -7.99 -21.58
C LYS B 87 -8.25 -7.80 -21.12
N ILE B 88 -8.00 -8.07 -19.84
CA ILE B 88 -6.67 -7.94 -19.25
C ILE B 88 -6.37 -9.25 -18.56
N ASN B 89 -5.45 -10.04 -19.13
CA ASN B 89 -5.18 -11.38 -18.62
C ASN B 89 -6.50 -12.15 -18.67
N ASN B 90 -7.07 -12.55 -17.52
CA ASN B 90 -8.34 -13.25 -17.51
C ASN B 90 -9.54 -12.37 -17.16
N LEU B 91 -9.32 -11.06 -17.00
CA LEU B 91 -10.34 -10.13 -16.55
C LEU B 91 -11.00 -9.44 -17.74
N VAL B 92 -12.33 -9.45 -17.78
CA VAL B 92 -13.09 -8.85 -18.88
C VAL B 92 -14.00 -7.74 -18.37
N ASN B 93 -14.04 -6.64 -19.10
CA ASN B 93 -15.12 -5.67 -18.95
C ASN B 93 -15.94 -5.62 -20.23
N LEU B 94 -17.27 -5.55 -20.08
CA LEU B 94 -18.19 -5.27 -21.19
C LEU B 94 -18.93 -3.99 -20.84
N THR B 95 -18.95 -3.03 -21.77
CA THR B 95 -19.73 -1.81 -21.58
C THR B 95 -20.75 -1.72 -22.71
N PHE B 96 -22.03 -1.87 -22.35
CA PHE B 96 -23.12 -1.94 -23.32
C PHE B 96 -23.70 -0.56 -23.61
N PRO B 97 -23.93 -0.24 -24.88
CA PRO B 97 -24.70 0.96 -25.22
C PRO B 97 -26.18 0.68 -25.01
N PRO B 98 -27.07 1.66 -25.22
CA PRO B 98 -28.51 1.39 -25.02
C PRO B 98 -29.02 0.37 -26.03
N PHE B 99 -29.82 -0.57 -25.54
CA PHE B 99 -30.67 -1.41 -26.40
C PHE B 99 -32.09 -1.18 -25.91
N GLN B 100 -32.87 -0.39 -26.64
CA GLN B 100 -34.27 -0.19 -26.29
C GLN B 100 -35.10 0.11 -27.53
N ALA B 101 -36.32 -0.41 -27.52
CA ALA B 101 -37.30 -0.16 -28.56
C ALA B 101 -38.65 -0.58 -28.01
N ASN B 102 -39.71 -0.23 -28.72
CA ASN B 102 -41.03 -0.66 -28.30
C ASN B 102 -41.14 -2.19 -28.39
N ALA B 103 -41.94 -2.76 -27.50
CA ALA B 103 -42.13 -4.20 -27.43
C ALA B 103 -43.42 -4.60 -28.10
N THR B 104 -43.34 -5.51 -29.07
CA THR B 104 -44.53 -6.07 -29.70
C THR B 104 -44.88 -7.45 -29.19
N SER B 105 -44.03 -8.04 -28.34
CA SER B 105 -44.35 -9.30 -27.70
C SER B 105 -43.74 -9.30 -26.31
N SER B 106 -44.15 -10.26 -25.50
CA SER B 106 -43.59 -10.44 -24.16
C SER B 106 -42.53 -11.53 -24.23
N ALA B 107 -41.29 -11.16 -23.89
CA ALA B 107 -40.18 -12.07 -24.03
C ALA B 107 -38.99 -11.53 -23.25
N VAL B 108 -38.09 -12.44 -22.88
CA VAL B 108 -36.77 -12.05 -22.41
C VAL B 108 -36.00 -11.52 -23.61
N ILE B 109 -34.88 -10.86 -23.35
CA ILE B 109 -33.96 -10.41 -24.41
C ILE B 109 -32.81 -11.40 -24.47
N ASN B 110 -32.49 -11.89 -25.66
CA ASN B 110 -31.29 -12.70 -25.76
C ASN B 110 -30.60 -12.56 -27.10
N SER B 111 -29.34 -12.97 -27.10
CA SER B 111 -28.55 -13.11 -28.31
C SER B 111 -28.65 -14.54 -28.84
N ALA B 112 -28.04 -14.78 -30.00
CA ALA B 112 -27.79 -16.13 -30.45
C ALA B 112 -26.72 -16.79 -29.57
N ILE B 113 -26.70 -18.12 -29.60
CA ILE B 113 -25.59 -18.85 -28.98
C ILE B 113 -24.33 -18.49 -29.73
N GLY B 114 -23.22 -18.25 -29.00
CA GLY B 114 -21.98 -17.88 -29.64
C GLY B 114 -21.78 -16.40 -29.88
N ALA B 115 -22.70 -15.55 -29.42
CA ALA B 115 -22.63 -14.12 -29.70
C ALA B 115 -21.44 -13.46 -29.01
N LEU B 116 -21.18 -13.80 -27.77
CA LEU B 116 -20.02 -13.27 -27.09
C LEU B 116 -18.78 -13.83 -27.78
N PRO B 117 -17.79 -13.00 -28.11
CA PRO B 117 -16.55 -13.54 -28.68
C PRO B 117 -15.97 -14.64 -27.79
N ALA B 118 -15.38 -15.66 -28.41
CA ALA B 118 -14.92 -16.83 -27.68
C ALA B 118 -14.02 -16.45 -26.50
N ASP B 119 -13.12 -15.48 -26.70
CA ASP B 119 -12.16 -15.16 -25.65
C ASP B 119 -12.77 -14.37 -24.49
N LEU B 120 -14.04 -13.99 -24.58
CA LEU B 120 -14.73 -13.31 -23.51
C LEU B 120 -15.73 -14.21 -22.80
N ARG B 121 -15.90 -15.46 -23.25
CA ARG B 121 -16.88 -16.35 -22.65
C ARG B 121 -16.40 -16.89 -21.30
N PRO B 122 -17.29 -16.97 -20.32
CA PRO B 122 -16.95 -17.67 -19.07
C PRO B 122 -16.53 -19.11 -19.37
N THR B 123 -15.44 -19.52 -18.73
CA THR B 123 -14.95 -20.90 -18.79
C THR B 123 -14.83 -21.52 -17.41
N THR B 124 -14.55 -20.72 -16.38
CA THR B 124 -14.49 -21.22 -15.01
C THR B 124 -15.89 -21.55 -14.49
N ASN B 125 -16.89 -20.84 -15.01
CA ASN B 125 -18.27 -20.96 -14.59
C ASN B 125 -19.17 -21.11 -15.80
N ILE B 126 -20.32 -21.76 -15.59
CA ILE B 126 -21.28 -21.96 -16.68
C ILE B 126 -22.02 -20.67 -17.03
N GLN B 127 -22.25 -19.82 -16.03
CA GLN B 127 -22.84 -18.51 -16.24
C GLN B 127 -22.27 -17.57 -15.20
N VAL B 128 -22.29 -16.27 -15.52
CA VAL B 128 -21.98 -15.23 -14.54
C VAL B 128 -23.12 -14.21 -14.58
N ASP B 129 -23.59 -13.80 -13.40
CA ASP B 129 -24.82 -13.03 -13.27
C ASP B 129 -24.55 -11.63 -12.72
N PHE B 130 -25.31 -10.64 -13.19
CA PHE B 130 -25.18 -9.26 -12.74
C PHE B 130 -26.52 -8.58 -12.63
N GLU B 131 -26.71 -7.82 -11.54
CA GLU B 131 -27.87 -6.96 -11.37
C GLU B 131 -27.66 -5.66 -12.16
N ILE B 132 -28.65 -5.31 -13.00
CA ILE B 132 -28.57 -4.11 -13.84
C ILE B 132 -29.93 -3.42 -13.87
N PHE B 133 -29.92 -2.13 -14.16
CA PHE B 133 -31.16 -1.36 -14.28
C PHE B 133 -31.75 -1.54 -15.69
N VAL B 134 -33.00 -1.98 -15.77
CA VAL B 134 -33.70 -2.16 -17.04
C VAL B 134 -34.97 -1.33 -17.05
N ILE B 135 -35.52 -1.13 -18.26
CA ILE B 135 -36.73 -0.35 -18.48
CA ILE B 135 -36.75 -0.37 -18.45
C ILE B 135 -37.73 -1.21 -19.24
N ASP B 136 -39.03 -0.97 -19.01
CA ASP B 136 -40.07 -1.72 -19.71
C ASP B 136 -41.24 -0.79 -19.96
N ASP B 137 -41.60 -0.61 -21.24
CA ASP B 137 -42.74 0.21 -21.64
C ASP B 137 -42.56 1.65 -21.15
N GLY B 138 -41.32 2.12 -21.15
CA GLY B 138 -41.02 3.44 -20.66
C GLY B 138 -41.01 3.57 -19.15
N ASN B 139 -41.39 2.53 -18.43
CA ASN B 139 -41.36 2.56 -16.97
C ASN B 139 -39.98 2.17 -16.46
N ARG B 140 -39.65 2.69 -15.27
CA ARG B 140 -38.37 2.42 -14.62
C ARG B 140 -38.64 1.55 -13.40
N PRO B 141 -38.66 0.23 -13.55
CA PRO B 141 -39.06 -0.62 -12.41
C PRO B 141 -38.00 -0.60 -11.31
N VAL B 142 -38.48 -0.69 -10.06
CA VAL B 142 -37.57 -0.65 -8.92
C VAL B 142 -36.79 -1.95 -8.74
N ASN B 143 -37.36 -3.09 -9.16
CA ASN B 143 -36.60 -4.34 -9.09
C ASN B 143 -35.49 -4.32 -10.14
N PRO B 144 -34.31 -4.84 -9.82
CA PRO B 144 -33.25 -4.90 -10.83
C PRO B 144 -33.58 -5.92 -11.91
N GLY B 145 -33.14 -5.61 -13.13
CA GLY B 145 -33.01 -6.63 -14.15
C GLY B 145 -31.78 -7.49 -13.90
N LEU B 146 -31.66 -8.55 -14.69
CA LEU B 146 -30.57 -9.49 -14.56
C LEU B 146 -29.97 -9.79 -15.92
N ILE B 147 -28.66 -9.68 -16.05
CA ILE B 147 -27.96 -10.17 -17.23
C ILE B 147 -27.16 -11.41 -16.85
N THR B 148 -27.27 -12.44 -17.67
CA THR B 148 -26.51 -13.67 -17.49
C THR B 148 -25.65 -13.91 -18.72
N LEU B 149 -24.34 -14.03 -18.52
CA LEU B 149 -23.40 -14.39 -19.57
C LEU B 149 -23.15 -15.88 -19.48
N LEU B 150 -23.43 -16.61 -20.55
CA LEU B 150 -23.32 -18.05 -20.54
C LEU B 150 -22.03 -18.52 -21.20
N SER B 151 -21.53 -19.68 -20.76
CA SER B 151 -20.29 -20.23 -21.30
C SER B 151 -20.38 -20.56 -22.79
N ASN B 152 -21.59 -20.77 -23.32
CA ASN B 152 -21.73 -21.01 -24.75
C ASN B 152 -21.77 -19.71 -25.56
N GLY B 153 -21.57 -18.56 -24.91
CA GLY B 153 -21.55 -17.29 -25.59
C GLY B 153 -22.90 -16.60 -25.71
N GLN B 154 -23.98 -17.24 -25.28
CA GLN B 154 -25.27 -16.55 -25.27
C GLN B 154 -25.33 -15.51 -24.16
N ILE B 155 -25.96 -14.39 -24.47
CA ILE B 155 -26.26 -13.32 -23.52
C ILE B 155 -27.77 -13.29 -23.34
N VAL B 156 -28.23 -13.29 -22.08
CA VAL B 156 -29.66 -13.17 -21.79
C VAL B 156 -29.85 -12.02 -20.82
N VAL B 157 -30.85 -11.18 -21.10
CA VAL B 157 -31.23 -10.08 -20.21
C VAL B 157 -32.70 -10.27 -19.82
N TYR B 158 -32.94 -10.34 -18.52
CA TYR B 158 -34.26 -10.53 -17.96
C TYR B 158 -34.78 -9.24 -17.36
N LYS B 159 -36.11 -9.11 -17.34
CA LYS B 159 -36.73 -7.92 -16.75
C LYS B 159 -36.54 -7.90 -15.23
N ASP B 160 -36.46 -9.07 -14.59
CA ASP B 160 -36.21 -9.14 -13.15
C ASP B 160 -35.43 -10.41 -12.86
N ASN B 161 -35.13 -10.64 -11.57
CA ASN B 161 -34.32 -11.80 -11.19
C ASN B 161 -35.07 -13.11 -11.35
N ASN B 162 -36.39 -13.07 -11.48
CA ASN B 162 -37.21 -14.27 -11.53
C ASN B 162 -37.60 -14.65 -12.96
N LEU B 163 -36.63 -14.63 -13.87
CA LEU B 163 -36.84 -14.98 -15.28
C LEU B 163 -37.85 -14.05 -15.96
N GLY B 164 -37.98 -12.83 -15.47
CA GLY B 164 -39.03 -11.95 -15.94
C GLY B 164 -38.87 -11.57 -17.40
N GLN B 165 -40.00 -11.39 -18.07
CA GLN B 165 -40.05 -11.00 -19.46
C GLN B 165 -40.38 -9.52 -19.59
N PHE B 166 -39.83 -8.89 -20.62
CA PHE B 166 -40.30 -7.57 -21.02
C PHE B 166 -41.69 -7.70 -21.64
N THR B 167 -42.45 -6.62 -21.63
CA THR B 167 -43.88 -6.69 -21.86
C THR B 167 -44.31 -5.85 -23.08
N THR B 168 -45.25 -6.40 -23.86
CA THR B 168 -45.78 -5.70 -25.01
C THR B 168 -46.27 -4.30 -24.62
N GLY B 169 -45.87 -3.31 -25.38
CA GLY B 169 -46.32 -1.95 -25.13
C GLY B 169 -45.35 -0.92 -25.67
N ILE B 170 -45.84 0.32 -25.76
CA ILE B 170 -45.08 1.48 -26.20
C ILE B 170 -44.34 2.08 -25.02
N GLY B 171 -43.17 2.66 -25.29
CA GLY B 171 -42.47 3.44 -24.30
C GLY B 171 -40.98 3.14 -24.24
N GLY B 172 -40.59 1.95 -24.70
CA GLY B 172 -39.20 1.55 -24.65
C GLY B 172 -38.96 0.43 -23.65
N SER B 173 -38.47 -0.70 -24.13
CA SER B 173 -38.14 -1.84 -23.29
C SER B 173 -36.70 -2.25 -23.60
N GLY B 174 -35.94 -2.54 -22.54
CA GLY B 174 -34.54 -2.84 -22.70
C GLY B 174 -33.74 -2.19 -21.60
N PHE B 175 -32.70 -1.43 -21.95
CA PHE B 175 -31.85 -0.86 -20.92
C PHE B 175 -31.09 0.36 -21.42
N ASN B 176 -30.83 1.28 -20.48
CA ASN B 176 -29.81 2.30 -20.63
C ASN B 176 -28.43 1.65 -20.56
N PRO B 177 -27.37 2.38 -20.95
CA PRO B 177 -26.03 1.79 -20.94
C PRO B 177 -25.62 1.35 -19.54
N PHE B 178 -24.88 0.24 -19.49
CA PHE B 178 -24.42 -0.33 -18.24
C PHE B 178 -23.08 -1.01 -18.51
N SER B 179 -22.43 -1.45 -17.43
CA SER B 179 -21.15 -2.10 -17.57
C SER B 179 -21.05 -3.22 -16.55
N ILE B 180 -20.39 -4.31 -16.95
CA ILE B 180 -20.18 -5.47 -16.09
C ILE B 180 -18.75 -5.97 -16.26
N THR B 181 -18.17 -6.48 -15.18
CA THR B 181 -16.77 -6.89 -15.15
C THR B 181 -16.66 -8.25 -14.47
N TYR B 182 -15.86 -9.15 -15.06
CA TYR B 182 -15.78 -10.51 -14.55
C TYR B 182 -14.52 -11.17 -15.09
N MET B 183 -14.02 -12.17 -14.35
CA MET B 183 -13.01 -13.05 -14.89
C MET B 183 -13.67 -14.23 -15.60
N VAL B 184 -13.05 -14.67 -16.69
CA VAL B 184 -13.61 -15.79 -17.42
C VAL B 184 -13.61 -17.05 -16.57
N ILE C 3 -5.30 -42.89 27.32
CA ILE C 3 -4.07 -42.37 26.72
C ILE C 3 -4.24 -42.28 25.21
N SER C 4 -4.75 -43.36 24.61
CA SER C 4 -5.07 -43.32 23.19
C SER C 4 -6.10 -42.23 22.89
N SER C 5 -6.97 -41.92 23.85
CA SER C 5 -7.96 -40.87 23.67
C SER C 5 -7.32 -39.49 23.56
N LEU C 6 -6.13 -39.30 24.11
CA LEU C 6 -5.39 -38.05 24.00
C LEU C 6 -4.67 -37.91 22.67
N LEU C 7 -4.53 -38.99 21.91
CA LEU C 7 -3.79 -38.99 20.66
C LEU C 7 -4.68 -38.69 19.46
N GLU C 8 -5.97 -38.48 19.70
CA GLU C 8 -6.93 -38.10 18.67
C GLU C 8 -7.80 -37.01 19.27
N LYS C 9 -8.59 -36.36 18.40
CA LYS C 9 -9.46 -35.29 18.84
C LYS C 9 -10.36 -35.76 19.99
N ASN C 10 -10.52 -34.90 20.98
CA ASN C 10 -11.33 -35.15 22.16
C ASN C 10 -11.91 -33.82 22.63
N ILE C 11 -12.74 -33.89 23.66
CA ILE C 11 -13.31 -32.67 24.24
C ILE C 11 -12.62 -32.29 25.56
N TYR C 12 -11.41 -32.75 25.78
CA TYR C 12 -10.73 -32.57 27.07
C TYR C 12 -10.16 -31.16 27.21
N ASN C 13 -10.57 -30.47 28.27
CA ASN C 13 -9.87 -29.28 28.74
C ASN C 13 -8.78 -29.74 29.70
N VAL C 14 -7.58 -29.90 29.15
CA VAL C 14 -6.45 -30.47 29.89
C VAL C 14 -5.83 -29.39 30.77
N HIS C 15 -5.46 -29.80 31.99
CA HIS C 15 -4.74 -28.97 32.94
C HIS C 15 -3.35 -29.58 33.13
N ASN C 16 -2.33 -28.72 33.20
CA ASN C 16 -1.00 -29.18 33.52
C ASN C 16 -0.24 -28.04 34.20
N LYS C 17 0.65 -28.41 35.13
CA LYS C 17 1.51 -27.42 35.77
C LYS C 17 2.42 -26.75 34.75
N SER C 18 2.81 -27.46 33.72
CA SER C 18 3.54 -26.91 32.58
C SER C 18 3.42 -27.89 31.43
N ASN C 19 3.83 -27.45 30.25
CA ASN C 19 3.74 -28.27 29.04
C ASN C 19 5.06 -28.14 28.30
N THR C 20 5.78 -29.26 28.17
CA THR C 20 7.09 -29.28 27.54
C THR C 20 6.96 -29.87 26.14
N LEU C 21 7.36 -29.08 25.14
CA LEU C 21 7.22 -29.44 23.73
C LEU C 21 8.55 -29.95 23.20
N THR C 22 8.58 -31.21 22.75
CA THR C 22 9.81 -31.77 22.19
C THR C 22 10.34 -30.89 21.05
N ASN C 23 11.64 -30.62 21.06
CA ASN C 23 12.21 -29.86 19.96
C ASN C 23 12.28 -30.75 18.72
N VAL C 24 11.57 -30.36 17.67
CA VAL C 24 11.43 -31.16 16.45
C VAL C 24 11.68 -30.28 15.22
N PRO C 25 12.10 -30.86 14.09
CA PRO C 25 12.47 -30.04 12.93
C PRO C 25 11.29 -29.63 12.07
N ALA C 26 10.09 -30.14 12.32
CA ALA C 26 8.93 -29.83 11.50
C ALA C 26 7.68 -30.08 12.33
N ASN C 27 6.62 -29.35 11.98
CA ASN C 27 5.31 -29.51 12.59
C ASN C 27 4.91 -30.99 12.54
N PRO C 28 4.77 -31.65 13.71
CA PRO C 28 4.55 -33.10 13.70
C PRO C 28 3.20 -33.53 13.15
N THR C 29 2.21 -32.65 13.09
CA THR C 29 0.90 -32.97 12.51
C THR C 29 0.64 -32.28 11.20
N GLY C 30 1.33 -31.17 10.91
CA GLY C 30 1.04 -30.35 9.76
C GLY C 30 -0.09 -29.38 9.93
N ASN C 31 -0.79 -29.41 11.06
CA ASN C 31 -2.01 -28.61 11.20
C ASN C 31 -1.72 -27.21 11.73
N THR C 32 -2.57 -26.27 11.30
CA THR C 32 -2.40 -24.86 11.67
C THR C 32 -2.72 -24.58 13.13
N ASN C 33 -3.32 -25.54 13.84
CA ASN C 33 -3.66 -25.38 15.26
C ASN C 33 -2.78 -26.23 16.16
N THR C 34 -1.63 -26.69 15.68
CA THR C 34 -0.69 -27.48 16.46
C THR C 34 0.45 -26.59 16.98
N VAL C 35 0.64 -26.60 18.30
CA VAL C 35 1.75 -25.92 18.94
C VAL C 35 2.94 -26.88 19.02
N TRP C 36 4.12 -26.40 18.65
CA TRP C 36 5.31 -27.23 18.66
C TRP C 36 6.54 -26.37 18.87
N SER C 37 7.68 -27.03 19.09
CA SER C 37 8.94 -26.36 19.39
C SER C 37 9.95 -26.75 18.32
N ASN C 38 10.60 -25.76 17.72
CA ASN C 38 11.35 -25.91 16.47
C ASN C 38 12.84 -26.08 16.75
N SER C 39 13.37 -27.28 16.47
CA SER C 39 14.77 -27.62 16.72
C SER C 39 15.73 -27.10 15.65
N ASN C 40 15.23 -26.43 14.62
CA ASN C 40 16.14 -25.86 13.62
C ASN C 40 16.88 -24.64 14.15
N PHE C 41 16.50 -24.15 15.33
CA PHE C 41 17.13 -23.04 16.01
C PHE C 41 17.57 -23.50 17.39
N THR C 42 18.66 -22.92 17.88
CA THR C 42 19.03 -23.06 19.28
C THR C 42 19.26 -21.67 19.88
N PRO C 43 18.57 -21.29 20.96
CA PRO C 43 17.48 -22.03 21.59
C PRO C 43 16.30 -22.23 20.62
N PRO C 44 15.42 -23.18 20.91
CA PRO C 44 14.35 -23.51 19.96
C PRO C 44 13.33 -22.38 19.85
N HIS C 45 12.49 -22.48 18.83
CA HIS C 45 11.44 -21.49 18.58
C HIS C 45 10.05 -22.07 18.82
N LEU C 46 9.20 -21.27 19.49
CA LEU C 46 7.80 -21.64 19.68
C LEU C 46 7.04 -21.42 18.38
N MET C 47 6.35 -22.47 17.92
CA MET C 47 5.57 -22.46 16.69
C MET C 47 4.10 -22.72 16.95
N TYR C 48 3.26 -22.11 16.12
CA TYR C 48 1.84 -22.40 16.09
C TYR C 48 1.47 -22.58 14.62
N GLY C 49 1.22 -23.83 14.22
CA GLY C 49 1.10 -24.10 12.80
C GLY C 49 2.43 -23.81 12.12
N ALA C 50 2.39 -23.03 11.04
CA ALA C 50 3.60 -22.59 10.35
C ALA C 50 4.13 -21.26 10.88
N SER C 51 3.46 -20.68 11.86
CA SER C 51 3.85 -19.38 12.41
C SER C 51 4.94 -19.56 13.46
N ASP C 52 6.07 -18.88 13.27
CA ASP C 52 7.16 -18.90 14.23
C ASP C 52 6.98 -17.71 15.17
N ILE C 53 6.44 -17.98 16.36
CA ILE C 53 6.17 -16.93 17.34
C ILE C 53 7.48 -16.30 17.83
N THR C 54 8.46 -17.14 18.17
CA THR C 54 9.74 -16.62 18.67
C THR C 54 10.41 -15.72 17.63
N GLN C 55 10.45 -16.16 16.38
CA GLN C 55 11.11 -15.36 15.35
C GLN C 55 10.36 -14.06 15.12
N ALA C 56 9.03 -14.10 15.09
CA ALA C 56 8.28 -12.87 14.85
C ALA C 56 8.54 -11.85 15.94
N ILE C 57 8.54 -12.31 17.19
CA ILE C 57 8.82 -11.40 18.30
C ILE C 57 10.25 -10.87 18.19
N GLY C 58 11.19 -11.73 17.80
CA GLY C 58 12.58 -11.33 17.71
C GLY C 58 12.88 -10.40 16.54
N ASN C 59 12.06 -10.47 15.49
CA ASN C 59 12.21 -9.57 14.37
C ASN C 59 11.83 -8.15 14.76
N ILE C 60 10.90 -8.01 15.69
CA ILE C 60 10.58 -6.69 16.21
C ILE C 60 11.63 -6.27 17.22
N SER C 61 11.98 -7.16 18.16
CA SER C 61 12.97 -6.89 19.21
C SER C 61 12.81 -5.50 19.81
N LEU C 62 11.66 -5.26 20.44
CA LEU C 62 11.38 -3.94 21.01
C LEU C 62 11.79 -3.87 22.48
N THR C 63 12.47 -2.79 22.83
CA THR C 63 12.67 -2.40 24.22
C THR C 63 12.34 -0.92 24.36
N THR C 64 11.96 -0.53 25.57
CA THR C 64 11.63 0.86 25.82
C THR C 64 11.79 1.15 27.31
N GLY C 65 12.01 2.42 27.62
CA GLY C 65 12.20 2.84 28.99
C GLY C 65 12.89 4.17 29.03
N SER C 66 13.81 4.35 29.97
CA SER C 66 14.58 5.59 30.04
C SER C 66 15.93 5.28 30.66
N PHE C 67 16.86 6.21 30.48
CA PHE C 67 18.15 6.13 31.16
C PHE C 67 18.49 7.49 31.75
N SER C 68 19.16 7.47 32.89
CA SER C 68 19.60 8.71 33.50
C SER C 68 20.77 9.29 32.71
N LEU C 69 20.70 10.59 32.42
CA LEU C 69 21.74 11.28 31.65
C LEU C 69 22.20 12.52 32.40
N SER C 70 23.51 12.62 32.63
CA SER C 70 24.13 13.79 33.21
C SER C 70 24.80 14.61 32.11
N LEU C 71 24.38 15.86 31.95
CA LEU C 71 24.99 16.78 30.99
C LEU C 71 25.64 17.94 31.74
N SER C 72 26.72 18.47 31.17
CA SER C 72 27.43 19.56 31.82
C SER C 72 28.09 20.44 30.76
N GLY C 73 28.65 21.55 31.23
CA GLY C 73 29.39 22.47 30.39
C GLY C 73 29.20 23.90 30.82
N PRO C 74 28.16 24.55 30.28
CA PRO C 74 27.97 25.98 30.58
C PRO C 74 27.35 26.26 31.93
N TRP C 75 26.73 25.27 32.56
CA TRP C 75 26.03 25.47 33.83
C TRP C 75 27.00 25.35 35.02
N ALA C 76 26.54 25.86 36.17
CA ALA C 76 27.37 25.80 37.37
C ALA C 76 27.57 24.38 37.86
N SER C 77 26.63 23.49 37.57
CA SER C 77 26.67 22.10 38.00
C SER C 77 26.01 21.27 36.92
N PRO C 78 26.28 19.96 36.89
CA PRO C 78 25.62 19.10 35.91
C PRO C 78 24.11 19.06 36.12
N LEU C 79 23.38 18.88 35.02
CA LEU C 79 21.95 18.64 35.06
C LEU C 79 21.71 17.16 34.76
N VAL C 80 20.85 16.53 35.56
CA VAL C 80 20.62 15.10 35.47
C VAL C 80 19.13 14.87 35.26
N GLN C 81 18.78 14.24 34.12
CA GLN C 81 17.39 13.93 33.82
C GLN C 81 17.33 12.59 33.11
N ASN C 82 16.14 12.00 33.10
CA ASN C 82 15.93 10.75 32.38
C ASN C 82 15.59 11.02 30.93
N VAL C 83 16.31 10.38 30.02
CA VAL C 83 16.01 10.42 28.59
C VAL C 83 15.23 9.17 28.22
N ALA C 84 14.07 9.35 27.59
CA ALA C 84 13.24 8.24 27.17
C ALA C 84 13.77 7.64 25.87
N TYR C 85 13.63 6.32 25.72
CA TYR C 85 14.08 5.65 24.51
C TYR C 85 13.11 4.55 24.09
N THR C 86 13.15 4.24 22.80
CA THR C 86 12.55 3.04 22.23
C THR C 86 13.58 2.47 21.27
N LYS C 87 13.79 1.15 21.31
CA LYS C 87 14.60 0.49 20.31
C LYS C 87 13.78 -0.63 19.69
N ILE C 88 13.71 -0.64 18.36
CA ILE C 88 12.96 -1.64 17.59
C ILE C 88 13.91 -2.20 16.57
N ASN C 89 14.36 -3.45 16.77
CA ASN C 89 15.38 -4.04 15.91
C ASN C 89 16.61 -3.13 15.97
N ASN C 90 16.99 -2.48 14.87
CA ASN C 90 18.14 -1.59 14.88
C ASN C 90 17.77 -0.12 14.98
N LEU C 91 16.47 0.19 15.11
CA LEU C 91 15.96 1.56 15.09
C LEU C 91 15.80 2.10 16.50
N VAL C 92 16.33 3.28 16.76
CA VAL C 92 16.31 3.92 18.08
C VAL C 92 15.58 5.26 18.02
N ASN C 93 14.72 5.51 19.00
CA ASN C 93 14.25 6.86 19.29
C ASN C 93 14.75 7.29 20.66
N LEU C 94 15.20 8.55 20.74
CA LEU C 94 15.50 9.21 22.02
C LEU C 94 14.60 10.43 22.13
N THR C 95 13.89 10.56 23.26
CA THR C 95 13.07 11.73 23.51
C THR C 95 13.59 12.41 24.78
N PHE C 96 14.15 13.59 24.61
CA PHE C 96 14.83 14.32 25.69
C PHE C 96 13.87 15.26 26.41
N PRO C 97 13.88 15.26 27.74
CA PRO C 97 13.17 16.30 28.50
C PRO C 97 13.97 17.59 28.46
N PRO C 98 13.48 18.68 29.05
CA PRO C 98 14.27 19.92 29.04
C PRO C 98 15.55 19.78 29.85
N PHE C 99 16.64 20.28 29.28
CA PHE C 99 17.87 20.54 30.04
C PHE C 99 18.17 22.02 29.86
N GLN C 100 17.90 22.83 30.88
CA GLN C 100 18.22 24.24 30.81
C GLN C 100 18.48 24.78 32.21
N ALA C 101 19.43 25.71 32.28
CA ALA C 101 19.79 26.41 33.50
C ALA C 101 20.62 27.61 33.08
N ASN C 102 20.82 28.52 34.02
CA ASN C 102 21.69 29.66 33.74
C ASN C 102 23.11 29.19 33.47
N ALA C 103 23.80 29.94 32.61
CA ALA C 103 25.16 29.60 32.21
C ALA C 103 26.15 30.47 32.99
N THR C 104 27.11 29.82 33.66
CA THR C 104 28.20 30.54 34.31
C THR C 104 29.50 30.49 33.53
N SER C 105 29.57 29.72 32.45
CA SER C 105 30.72 29.72 31.56
C SER C 105 30.23 29.51 30.13
N SER C 106 31.13 29.76 29.19
CA SER C 106 30.84 29.53 27.77
C SER C 106 31.40 28.16 27.39
N ALA C 107 30.53 27.27 26.94
CA ALA C 107 30.91 25.89 26.69
C ALA C 107 29.83 25.21 25.87
N VAL C 108 30.24 24.16 25.15
CA VAL C 108 29.27 23.24 24.58
C VAL C 108 28.67 22.43 25.72
N ILE C 109 27.58 21.72 25.46
CA ILE C 109 26.99 20.80 26.41
C ILE C 109 27.43 19.39 26.05
N ASN C 110 27.96 18.64 27.00
CA ASN C 110 28.23 17.25 26.68
C ASN C 110 28.03 16.34 27.89
N SER C 111 27.90 15.06 27.59
CA SER C 111 27.91 14.00 28.58
C SER C 111 29.32 13.45 28.75
N ALA C 112 29.47 12.51 29.69
CA ALA C 112 30.68 11.71 29.74
C ALA C 112 30.69 10.73 28.57
N ILE C 113 31.88 10.22 28.24
CA ILE C 113 31.98 9.12 27.31
C ILE C 113 31.28 7.91 27.92
N GLY C 114 30.52 7.19 27.10
CA GLY C 114 29.78 6.04 27.59
C GLY C 114 28.41 6.35 28.15
N ALA C 115 27.94 7.59 28.06
CA ALA C 115 26.66 7.97 28.66
C ALA C 115 25.48 7.29 27.98
N LEU C 116 25.47 7.26 26.66
CA LEU C 116 24.41 6.54 25.96
C LEU C 116 24.53 5.06 26.30
N PRO C 117 23.45 4.38 26.64
CA PRO C 117 23.54 2.92 26.86
C PRO C 117 24.13 2.24 25.63
N ALA C 118 24.92 1.18 25.87
CA ALA C 118 25.66 0.54 24.80
C ALA C 118 24.77 0.17 23.63
N ASP C 119 23.57 -0.35 23.90
CA ASP C 119 22.73 -0.84 22.82
C ASP C 119 22.07 0.28 22.01
N LEU C 120 22.24 1.54 22.41
CA LEU C 120 21.74 2.67 21.65
C LEU C 120 22.84 3.42 20.92
N ARG C 121 24.10 3.02 21.08
CA ARG C 121 25.21 3.74 20.45
C ARG C 121 25.29 3.45 18.95
N PRO C 122 25.55 4.47 18.14
CA PRO C 122 25.83 4.22 16.72
C PRO C 122 27.00 3.24 16.57
N THR C 123 26.84 2.29 15.65
CA THR C 123 27.88 1.33 15.32
C THR C 123 28.19 1.36 13.82
N THR C 124 27.17 1.66 13.01
CA THR C 124 27.37 1.76 11.57
C THR C 124 28.15 3.02 11.22
N ASN C 125 27.99 4.05 12.04
CA ASN C 125 28.58 5.36 11.84
C ASN C 125 29.28 5.82 13.12
N ILE C 126 30.30 6.68 12.95
CA ILE C 126 31.05 7.19 14.10
C ILE C 126 30.24 8.23 14.86
N GLN C 127 29.41 9.00 14.16
CA GLN C 127 28.49 9.92 14.78
C GLN C 127 27.24 10.00 13.92
N VAL C 128 26.13 10.39 14.55
CA VAL C 128 24.90 10.73 13.82
C VAL C 128 24.46 12.10 14.29
N ASP C 129 24.08 12.97 13.35
CA ASP C 129 23.85 14.38 13.62
C ASP C 129 22.40 14.78 13.39
N PHE C 130 21.89 15.70 14.23
CA PHE C 130 20.52 16.19 14.12
C PHE C 130 20.42 17.67 14.40
N GLU C 131 19.64 18.38 13.59
CA GLU C 131 19.29 19.78 13.84
C GLU C 131 18.17 19.85 14.87
N ILE C 132 18.38 20.66 15.92
CA ILE C 132 17.43 20.80 17.02
C ILE C 132 17.35 22.26 17.43
N PHE C 133 16.21 22.65 18.03
CA PHE C 133 16.04 24.01 18.55
C PHE C 133 16.67 24.12 19.94
N VAL C 134 17.59 25.08 20.11
CA VAL C 134 18.25 25.32 21.39
C VAL C 134 18.01 26.77 21.81
N ILE C 135 18.28 27.04 23.10
N ILE C 135 18.22 27.02 23.11
CA ILE C 135 18.06 28.33 23.72
CA ILE C 135 18.06 28.35 23.69
C ILE C 135 19.35 28.74 24.43
C ILE C 135 19.36 28.75 24.39
N ASP C 136 19.62 30.05 24.47
CA ASP C 136 20.82 30.55 25.11
C ASP C 136 20.52 31.89 25.77
N ASP C 137 20.73 31.95 27.09
CA ASP C 137 20.49 33.18 27.86
C ASP C 137 19.05 33.65 27.73
N GLY C 138 18.12 32.70 27.63
CA GLY C 138 16.72 33.04 27.43
C GLY C 138 16.36 33.42 26.02
N ASN C 139 17.34 33.60 25.15
CA ASN C 139 17.06 33.92 23.75
C ASN C 139 16.75 32.67 22.96
N ARG C 140 15.96 32.83 21.91
CA ARG C 140 15.57 31.75 21.01
C ARG C 140 16.25 31.98 19.67
N PRO C 141 17.48 31.50 19.48
CA PRO C 141 18.23 31.83 18.25
C PRO C 141 17.61 31.16 17.04
N VAL C 142 17.69 31.86 15.89
CA VAL C 142 17.09 31.35 14.67
C VAL C 142 17.94 30.24 14.04
N ASN C 143 19.25 30.24 14.25
CA ASN C 143 20.07 29.14 13.75
C ASN C 143 19.78 27.88 14.57
N PRO C 144 19.72 26.71 13.94
CA PRO C 144 19.51 25.48 14.72
C PRO C 144 20.73 25.15 15.56
N GLY C 145 20.48 24.56 16.73
CA GLY C 145 21.53 23.83 17.41
C GLY C 145 21.77 22.49 16.76
N LEU C 146 22.79 21.80 17.25
CA LEU C 146 23.17 20.50 16.69
C LEU C 146 23.44 19.53 17.81
N ILE C 147 22.84 18.35 17.74
CA ILE C 147 23.19 17.26 18.64
C ILE C 147 23.93 16.20 17.84
N THR C 148 25.04 15.72 18.39
CA THR C 148 25.80 14.64 17.78
C THR C 148 25.88 13.47 18.75
N LEU C 149 25.42 12.30 18.32
CA LEU C 149 25.53 11.07 19.09
C LEU C 149 26.77 10.33 18.59
N LEU C 150 27.71 10.07 19.49
CA LEU C 150 28.97 9.45 19.09
C LEU C 150 28.98 7.95 19.38
N SER C 151 29.76 7.22 18.60
CA SER C 151 29.84 5.77 18.77
C SER C 151 30.42 5.36 20.12
N ASN C 152 31.19 6.23 20.77
CA ASN C 152 31.70 5.92 22.10
C ASN C 152 30.69 6.23 23.20
N GLY C 153 29.47 6.61 22.83
CA GLY C 153 28.42 6.87 23.78
C GLY C 153 28.35 8.29 24.30
N GLN C 154 29.27 9.16 23.90
CA GLN C 154 29.17 10.56 24.29
C GLN C 154 28.07 11.26 23.49
N ILE C 155 27.37 12.17 24.17
CA ILE C 155 26.37 13.05 23.57
C ILE C 155 26.93 14.46 23.66
N VAL C 156 26.91 15.18 22.53
CA VAL C 156 27.33 16.58 22.51
C VAL C 156 26.21 17.41 21.91
N VAL C 157 25.91 18.54 22.55
CA VAL C 157 24.92 19.50 22.06
C VAL C 157 25.61 20.84 21.88
N TYR C 158 25.57 21.35 20.67
CA TYR C 158 26.16 22.62 20.28
C TYR C 158 25.09 23.70 20.12
N LYS C 159 25.49 24.95 20.36
CA LYS C 159 24.59 26.08 20.19
C LYS C 159 24.24 26.30 18.72
N ASP C 160 25.15 25.96 17.81
CA ASP C 160 24.89 26.08 16.37
C ASP C 160 25.68 24.99 15.65
N ASN C 161 25.54 24.94 14.31
CA ASN C 161 26.21 23.92 13.53
C ASN C 161 27.71 24.09 13.46
N ASN C 162 28.23 25.27 13.80
CA ASN C 162 29.66 25.57 13.70
C ASN C 162 30.38 25.42 15.04
N LEU C 163 30.11 24.32 15.74
CA LEU C 163 30.73 24.03 17.05
C LEU C 163 30.41 25.10 18.09
N GLY C 164 29.28 25.79 17.94
CA GLY C 164 29.00 26.93 18.79
C GLY C 164 28.84 26.55 20.25
N GLN C 165 29.24 27.47 21.12
CA GLN C 165 29.15 27.30 22.55
C GLN C 165 27.98 28.09 23.11
N PHE C 166 27.37 27.56 24.17
CA PHE C 166 26.43 28.35 24.94
C PHE C 166 27.19 29.40 25.74
N THR C 167 26.50 30.46 26.16
CA THR C 167 27.13 31.71 26.55
C THR C 167 26.80 32.07 28.00
N THR C 168 27.79 32.52 28.75
CA THR C 168 27.58 32.98 30.12
C THR C 168 26.47 34.01 30.18
N GLY C 169 25.53 33.82 31.09
CA GLY C 169 24.45 34.77 31.27
C GLY C 169 23.22 34.13 31.87
N ILE C 170 22.31 34.97 32.35
CA ILE C 170 21.04 34.56 32.93
C ILE C 170 20.00 34.43 31.83
N GLY C 171 19.06 33.52 32.05
CA GLY C 171 17.90 33.42 31.18
C GLY C 171 17.57 31.98 30.80
N GLY C 172 18.57 31.12 30.86
CA GLY C 172 18.38 29.72 30.51
C GLY C 172 19.12 29.35 29.24
N SER C 173 20.01 28.38 29.34
CA SER C 173 20.76 27.88 28.19
C SER C 173 20.60 26.37 28.14
N GLY C 174 20.37 25.84 26.94
CA GLY C 174 20.12 24.43 26.76
C GLY C 174 19.03 24.22 25.75
N PHE C 175 17.98 23.47 26.09
CA PHE C 175 16.96 23.15 25.11
C PHE C 175 15.64 22.78 25.77
N ASN C 176 14.56 23.10 25.05
CA ASN C 176 13.25 22.52 25.29
C ASN C 176 13.27 21.06 24.85
N PRO C 177 12.24 20.28 25.21
CA PRO C 177 12.23 18.86 24.83
C PRO C 177 12.25 18.69 23.32
N PHE C 178 12.94 17.64 22.87
CA PHE C 178 13.06 17.33 21.46
C PHE C 178 13.18 15.81 21.32
N SER C 179 13.13 15.34 20.08
CA SER C 179 13.23 13.92 19.83
C SER C 179 14.03 13.68 18.56
N ILE C 180 14.82 12.60 18.57
CA ILE C 180 15.65 12.21 17.43
C ILE C 180 15.55 10.70 17.22
N THR C 181 15.59 10.27 15.97
CA THR C 181 15.41 8.87 15.62
C THR C 181 16.47 8.44 14.61
N TYR C 182 17.04 7.26 14.81
CA TYR C 182 18.17 6.82 13.99
C TYR C 182 18.35 5.32 14.13
N MET C 183 18.92 4.71 13.10
CA MET C 183 19.40 3.33 13.23
C MET C 183 20.84 3.33 13.72
N VAL C 184 21.17 2.35 14.55
CA VAL C 184 22.53 2.27 15.05
C VAL C 184 23.53 2.04 13.92
N SER D 4 -8.42 -38.60 33.65
CA SER D 4 -9.40 -37.97 34.53
C SER D 4 -8.74 -36.92 35.40
N SER D 5 -7.58 -37.24 35.96
CA SER D 5 -6.83 -36.27 36.75
C SER D 5 -6.26 -35.15 35.89
N LEU D 6 -6.17 -35.35 34.58
CA LEU D 6 -5.75 -34.30 33.67
C LEU D 6 -6.84 -33.26 33.45
N LEU D 7 -8.08 -33.56 33.79
CA LEU D 7 -9.21 -32.69 33.52
C LEU D 7 -9.49 -31.72 34.66
N GLU D 8 -8.69 -31.77 35.73
CA GLU D 8 -8.73 -30.84 36.84
C GLU D 8 -7.31 -30.46 37.19
N LYS D 9 -7.16 -29.40 37.98
CA LYS D 9 -5.83 -28.94 38.39
C LYS D 9 -5.00 -30.08 38.97
N ASN D 10 -3.74 -30.15 38.57
CA ASN D 10 -2.81 -31.18 39.03
C ASN D 10 -1.43 -30.56 39.11
N ILE D 11 -0.46 -31.35 39.58
CA ILE D 11 0.91 -30.86 39.65
C ILE D 11 1.78 -31.48 38.56
N TYR D 12 1.15 -31.89 37.46
CA TYR D 12 1.85 -32.62 36.39
C TYR D 12 2.60 -31.67 35.47
N ASN D 13 3.90 -31.88 35.34
CA ASN D 13 4.68 -31.29 34.25
C ASN D 13 4.56 -32.23 33.05
N VAL D 14 3.61 -31.93 32.16
CA VAL D 14 3.27 -32.77 31.03
C VAL D 14 4.28 -32.56 29.90
N HIS D 15 4.66 -33.66 29.26
CA HIS D 15 5.50 -33.63 28.07
C HIS D 15 4.69 -34.12 26.88
N ASN D 16 4.87 -33.48 25.72
CA ASN D 16 4.26 -33.99 24.50
C ASN D 16 5.09 -33.55 23.29
N LYS D 17 5.08 -34.40 22.26
CA LYS D 17 5.77 -34.05 21.03
C LYS D 17 5.16 -32.83 20.36
N SER D 18 3.87 -32.62 20.55
CA SER D 18 3.19 -31.41 20.12
C SER D 18 1.86 -31.35 20.85
N ASN D 19 1.20 -30.20 20.75
CA ASN D 19 -0.09 -30.01 21.41
C ASN D 19 -1.04 -29.35 20.41
N THR D 20 -2.12 -30.06 20.07
CA THR D 20 -3.07 -29.60 19.07
C THR D 20 -4.33 -29.09 19.77
N LEU D 21 -4.67 -27.82 19.54
CA LEU D 21 -5.77 -27.13 20.20
C LEU D 21 -6.98 -27.04 19.29
N THR D 22 -8.12 -27.56 19.75
CA THR D 22 -9.33 -27.54 18.92
C THR D 22 -9.71 -26.11 18.53
N ASN D 23 -10.00 -25.89 17.26
CA ASN D 23 -10.43 -24.56 16.83
C ASN D 23 -11.84 -24.29 17.35
N VAL D 24 -11.99 -23.26 18.18
CA VAL D 24 -13.26 -22.96 18.83
C VAL D 24 -13.49 -21.46 18.82
N PRO D 25 -14.75 -21.04 18.86
CA PRO D 25 -15.05 -19.59 18.80
C PRO D 25 -14.92 -18.84 20.11
N ALA D 26 -14.73 -19.52 21.24
CA ALA D 26 -14.64 -18.86 22.53
C ALA D 26 -13.79 -19.71 23.46
N ASN D 27 -13.15 -19.04 24.42
CA ASN D 27 -12.32 -19.67 25.45
C ASN D 27 -13.08 -20.82 26.12
N PRO D 28 -12.62 -22.07 25.97
CA PRO D 28 -13.40 -23.21 26.51
C PRO D 28 -13.56 -23.22 28.02
N THR D 29 -12.63 -22.62 28.77
CA THR D 29 -12.75 -22.61 30.23
C THR D 29 -13.15 -21.26 30.79
N GLY D 30 -12.90 -20.18 30.06
CA GLY D 30 -13.07 -18.84 30.56
C GLY D 30 -11.90 -18.28 31.31
N ASN D 31 -10.84 -19.05 31.51
CA ASN D 31 -9.77 -18.64 32.42
C ASN D 31 -8.66 -17.91 31.69
N THR D 32 -8.00 -16.99 32.43
CA THR D 32 -6.93 -16.19 31.86
C THR D 32 -5.64 -16.98 31.63
N ASN D 33 -5.56 -18.21 32.13
CA ASN D 33 -4.37 -19.04 31.94
C ASN D 33 -4.65 -20.24 31.03
N THR D 34 -5.68 -20.17 30.21
CA THR D 34 -6.01 -21.22 29.26
C THR D 34 -5.57 -20.84 27.86
N VAL D 35 -4.79 -21.72 27.24
CA VAL D 35 -4.37 -21.58 25.86
C VAL D 35 -5.43 -22.25 24.97
N TRP D 36 -5.83 -21.56 23.90
CA TRP D 36 -6.84 -22.11 23.01
C TRP D 36 -6.64 -21.55 21.61
N SER D 37 -7.34 -22.12 20.65
CA SER D 37 -7.20 -21.77 19.25
C SER D 37 -8.53 -21.21 18.73
N ASN D 38 -8.49 -19.99 18.19
CA ASN D 38 -9.67 -19.18 17.91
C ASN D 38 -10.12 -19.33 16.47
N SER D 39 -11.27 -19.99 16.26
CA SER D 39 -11.82 -20.27 14.95
C SER D 39 -12.54 -19.08 14.32
N ASN D 40 -12.63 -17.94 14.99
CA ASN D 40 -13.24 -16.78 14.37
C ASN D 40 -12.39 -16.19 13.26
N PHE D 41 -11.13 -16.63 13.16
CA PHE D 41 -10.18 -16.19 12.15
C PHE D 41 -9.73 -17.38 11.32
N THR D 42 -9.35 -17.11 10.07
CA THR D 42 -8.66 -18.09 9.24
C THR D 42 -7.38 -17.49 8.70
N PRO D 43 -6.20 -18.12 8.92
CA PRO D 43 -6.03 -19.26 9.83
C PRO D 43 -6.38 -18.90 11.28
N PRO D 44 -6.56 -19.88 12.14
CA PRO D 44 -7.00 -19.58 13.50
C PRO D 44 -5.94 -18.80 14.27
N HIS D 45 -6.37 -18.19 15.37
CA HIS D 45 -5.48 -17.39 16.21
C HIS D 45 -5.16 -18.10 17.52
N LEU D 46 -3.89 -18.07 17.90
CA LEU D 46 -3.46 -18.58 19.19
C LEU D 46 -3.85 -17.60 20.29
N MET D 47 -4.58 -18.09 21.29
CA MET D 47 -5.07 -17.28 22.39
C MET D 47 -4.52 -17.76 23.72
N TYR D 48 -4.31 -16.82 24.63
CA TYR D 48 -4.00 -17.12 26.03
C TYR D 48 -4.95 -16.26 26.85
N GLY D 49 -5.96 -16.90 27.43
CA GLY D 49 -7.05 -16.11 27.98
C GLY D 49 -7.71 -15.31 26.88
N ALA D 50 -7.85 -14.00 27.09
CA ALA D 50 -8.39 -13.11 26.07
C ALA D 50 -7.29 -12.48 25.21
N SER D 51 -6.03 -12.81 25.47
CA SER D 51 -4.91 -12.24 24.73
C SER D 51 -4.73 -12.97 23.40
N ASP D 52 -4.84 -12.25 22.29
CA ASP D 52 -4.73 -12.83 20.94
C ASP D 52 -3.30 -12.63 20.46
N ILE D 53 -2.51 -13.69 20.55
CA ILE D 53 -1.09 -13.62 20.21
C ILE D 53 -0.91 -13.44 18.71
N THR D 54 -1.65 -14.23 17.91
CA THR D 54 -1.55 -14.14 16.46
C THR D 54 -1.91 -12.75 15.94
N GLN D 55 -2.98 -12.16 16.48
CA GLN D 55 -3.39 -10.83 16.01
C GLN D 55 -2.32 -9.79 16.28
N ALA D 56 -1.71 -9.84 17.47
CA ALA D 56 -0.74 -8.81 17.83
C ALA D 56 0.49 -8.88 16.93
N ILE D 57 0.96 -10.09 16.63
CA ILE D 57 2.13 -10.19 15.76
CA ILE D 57 2.12 -10.24 15.76
C ILE D 57 1.77 -9.84 14.32
N GLY D 58 0.56 -10.20 13.87
CA GLY D 58 0.15 -9.87 12.52
C GLY D 58 -0.08 -8.38 12.30
N ASN D 59 -0.29 -7.62 13.38
CA ASN D 59 -0.61 -6.20 13.31
C ASN D 59 0.61 -5.33 13.07
N ILE D 60 1.82 -5.90 13.19
CA ILE D 60 3.05 -5.14 13.00
C ILE D 60 3.94 -5.89 12.01
N SER D 61 4.42 -5.18 10.99
CA SER D 61 5.19 -5.78 9.89
C SER D 61 6.49 -5.00 9.71
N LEU D 62 7.61 -5.56 10.18
CA LEU D 62 8.90 -4.89 10.15
C LEU D 62 9.84 -5.53 9.13
N THR D 63 10.42 -4.72 8.26
CA THR D 63 11.54 -5.13 7.42
C THR D 63 12.70 -4.15 7.66
N THR D 64 13.92 -4.61 7.40
CA THR D 64 15.09 -3.77 7.64
C THR D 64 16.25 -4.30 6.81
N GLY D 65 17.20 -3.43 6.55
CA GLY D 65 18.37 -3.77 5.75
C GLY D 65 19.03 -2.49 5.25
N SER D 66 19.59 -2.57 4.05
CA SER D 66 20.21 -1.40 3.43
CA SER D 66 20.23 -1.41 3.42
C SER D 66 20.05 -1.51 1.91
N PHE D 67 20.21 -0.37 1.24
CA PHE D 67 20.22 -0.34 -0.22
C PHE D 67 21.38 0.53 -0.70
N SER D 68 21.95 0.17 -1.83
CA SER D 68 23.04 0.96 -2.40
C SER D 68 22.47 2.24 -3.00
N LEU D 69 23.14 3.37 -2.72
CA LEU D 69 22.70 4.68 -3.22
C LEU D 69 23.87 5.40 -3.86
N SER D 70 23.68 5.82 -5.11
CA SER D 70 24.66 6.63 -5.83
C SER D 70 24.19 8.09 -5.87
N LEU D 71 24.97 8.98 -5.31
CA LEU D 71 24.69 10.41 -5.31
C LEU D 71 25.75 11.12 -6.13
N SER D 72 25.37 12.22 -6.79
CA SER D 72 26.31 12.96 -7.62
C SER D 72 25.93 14.43 -7.64
N GLY D 73 26.80 15.23 -8.24
CA GLY D 73 26.52 16.63 -8.44
C GLY D 73 27.78 17.47 -8.37
N PRO D 74 28.11 17.93 -7.16
CA PRO D 74 29.29 18.80 -7.00
C PRO D 74 30.62 18.06 -7.08
N TRP D 75 30.65 16.75 -6.88
CA TRP D 75 31.88 15.99 -6.79
C TRP D 75 32.38 15.61 -8.18
N ALA D 76 33.67 15.24 -8.23
CA ALA D 76 34.29 14.84 -9.49
C ALA D 76 33.67 13.55 -10.05
N SER D 77 33.21 12.67 -9.17
CA SER D 77 32.63 11.39 -9.53
C SER D 77 31.51 11.09 -8.54
N PRO D 78 30.56 10.23 -8.91
CA PRO D 78 29.52 9.86 -7.95
C PRO D 78 30.09 9.16 -6.73
N LEU D 79 29.40 9.32 -5.60
CA LEU D 79 29.71 8.60 -4.37
C LEU D 79 28.63 7.54 -4.17
N VAL D 80 29.06 6.32 -3.83
CA VAL D 80 28.15 5.18 -3.70
C VAL D 80 28.32 4.60 -2.30
N GLN D 81 27.25 4.60 -1.51
CA GLN D 81 27.27 4.03 -0.17
C GLN D 81 25.95 3.35 0.10
N ASN D 82 25.94 2.48 1.12
CA ASN D 82 24.70 1.83 1.53
C ASN D 82 23.95 2.70 2.53
N VAL D 83 22.67 2.89 2.27
CA VAL D 83 21.79 3.61 3.18
C VAL D 83 20.97 2.58 3.95
N ALA D 84 20.97 2.68 5.27
CA ALA D 84 20.22 1.74 6.10
C ALA D 84 18.77 2.15 6.20
N TYR D 85 17.87 1.16 6.30
CA TYR D 85 16.45 1.48 6.41
C TYR D 85 15.78 0.52 7.37
N THR D 86 14.66 0.98 7.94
CA THR D 86 13.68 0.15 8.62
C THR D 86 12.30 0.57 8.11
N LYS D 87 11.43 -0.40 7.84
CA LYS D 87 10.05 -0.11 7.51
C LYS D 87 9.16 -0.90 8.45
N ILE D 88 8.28 -0.21 9.16
CA ILE D 88 7.31 -0.82 10.07
C ILE D 88 5.94 -0.40 9.61
N ASN D 89 5.18 -1.32 9.03
CA ASN D 89 3.90 -0.99 8.43
C ASN D 89 4.13 0.11 7.38
N ASN D 90 3.59 1.30 7.59
CA ASN D 90 3.78 2.40 6.64
C ASN D 90 4.87 3.38 7.04
N LEU D 91 5.57 3.10 8.14
CA LEU D 91 6.58 4.01 8.71
C LEU D 91 7.98 3.60 8.25
N VAL D 92 8.75 4.57 7.75
CA VAL D 92 10.10 4.34 7.23
C VAL D 92 11.13 5.17 7.99
N ASN D 93 12.25 4.54 8.34
CA ASN D 93 13.45 5.28 8.73
C ASN D 93 14.55 5.05 7.70
N LEU D 94 15.27 6.12 7.35
CA LEU D 94 16.49 6.04 6.55
C LEU D 94 17.64 6.61 7.38
N THR D 95 18.74 5.87 7.48
CA THR D 95 19.93 6.37 8.18
C THR D 95 21.08 6.38 7.20
N PHE D 96 21.57 7.58 6.88
CA PHE D 96 22.57 7.79 5.85
C PHE D 96 23.97 7.81 6.47
N PRO D 97 24.92 7.11 5.84
CA PRO D 97 26.34 7.25 6.19
C PRO D 97 26.86 8.56 5.63
N PRO D 98 28.13 8.92 5.89
CA PRO D 98 28.65 10.17 5.33
C PRO D 98 28.74 10.10 3.81
N PHE D 99 28.34 11.16 3.14
CA PHE D 99 28.68 11.38 1.73
C PHE D 99 29.42 12.72 1.68
N GLN D 100 30.74 12.68 1.54
CA GLN D 100 31.53 13.90 1.46
C GLN D 100 32.72 13.68 0.54
N ALA D 101 33.01 14.70 -0.27
CA ALA D 101 34.19 14.74 -1.11
C ALA D 101 34.36 16.20 -1.53
N ASN D 102 35.51 16.51 -2.12
CA ASN D 102 35.73 17.86 -2.60
C ASN D 102 34.80 18.14 -3.78
N ALA D 103 34.44 19.41 -3.93
CA ALA D 103 33.53 19.83 -4.98
C ALA D 103 34.32 20.42 -6.14
N THR D 104 34.08 19.90 -7.35
CA THR D 104 34.71 20.46 -8.55
C THR D 104 33.72 21.27 -9.37
N SER D 105 32.45 21.30 -8.98
CA SER D 105 31.46 22.15 -9.61
C SER D 105 30.48 22.59 -8.54
N SER D 106 29.70 23.61 -8.87
CA SER D 106 28.62 24.06 -8.00
CA SER D 106 28.62 24.08 -8.01
C SER D 106 27.33 23.37 -8.42
N ALA D 107 26.75 22.61 -7.49
CA ALA D 107 25.56 21.83 -7.80
C ALA D 107 24.91 21.32 -6.53
N VAL D 108 23.61 21.02 -6.65
CA VAL D 108 22.93 20.27 -5.60
C VAL D 108 23.41 18.82 -5.69
N ILE D 109 23.14 18.05 -4.65
CA ILE D 109 23.42 16.61 -4.64
C ILE D 109 22.12 15.90 -4.98
N ASN D 110 22.17 14.95 -5.91
CA ASN D 110 20.97 14.16 -6.14
C ASN D 110 21.29 12.75 -6.61
N SER D 111 20.29 11.89 -6.48
CA SER D 111 20.30 10.56 -7.04
C SER D 111 19.61 10.57 -8.40
N ALA D 112 19.64 9.43 -9.08
CA ALA D 112 18.76 9.20 -10.21
C ALA D 112 17.33 8.96 -9.73
N ILE D 113 16.38 9.06 -10.66
CA ILE D 113 14.99 8.71 -10.36
C ILE D 113 14.90 7.23 -10.06
N GLY D 114 14.09 6.87 -9.06
CA GLY D 114 13.94 5.47 -8.69
C GLY D 114 15.00 4.93 -7.74
N ALA D 115 15.87 5.81 -7.22
CA ALA D 115 16.96 5.36 -6.35
C ALA D 115 16.43 4.80 -5.02
N LEU D 116 15.43 5.46 -4.43
CA LEU D 116 14.78 4.90 -3.25
C LEU D 116 14.07 3.62 -3.64
N PRO D 117 14.22 2.53 -2.89
CA PRO D 117 13.43 1.33 -3.17
C PRO D 117 11.95 1.66 -3.21
N ALA D 118 11.22 0.96 -4.09
CA ALA D 118 9.81 1.28 -4.32
C ALA D 118 9.01 1.31 -3.02
N ASP D 119 9.24 0.36 -2.11
CA ASP D 119 8.42 0.28 -0.90
C ASP D 119 8.78 1.36 0.12
N LEU D 120 9.80 2.19 -0.14
CA LEU D 120 10.15 3.28 0.75
C LEU D 120 9.77 4.65 0.17
N ARG D 121 9.24 4.67 -1.05
CA ARG D 121 8.92 5.96 -1.68
C ARG D 121 7.64 6.56 -1.09
N PRO D 122 7.63 7.86 -0.85
CA PRO D 122 6.37 8.54 -0.51
C PRO D 122 5.31 8.28 -1.57
N THR D 123 4.11 7.94 -1.11
CA THR D 123 2.93 7.80 -1.97
C THR D 123 1.79 8.72 -1.55
N THR D 124 1.71 9.05 -0.27
CA THR D 124 0.69 9.97 0.22
C THR D 124 1.02 11.41 -0.15
N ASN D 125 2.30 11.72 -0.31
CA ASN D 125 2.78 13.05 -0.63
C ASN D 125 3.75 12.97 -1.80
N ILE D 126 3.87 14.08 -2.54
CA ILE D 126 4.76 14.13 -3.70
C ILE D 126 6.21 14.22 -3.24
N GLN D 127 6.48 14.92 -2.14
CA GLN D 127 7.80 14.97 -1.54
C GLN D 127 7.63 15.08 -0.05
N VAL D 128 8.66 14.66 0.69
CA VAL D 128 8.72 14.87 2.13
C VAL D 128 10.07 15.51 2.43
N ASP D 129 10.07 16.57 3.26
CA ASP D 129 11.23 17.44 3.46
C ASP D 129 11.77 17.36 4.88
N PHE D 130 13.10 17.46 5.01
CA PHE D 130 13.75 17.40 6.31
C PHE D 130 14.94 18.35 6.40
N GLU D 131 15.04 19.06 7.53
CA GLU D 131 16.21 19.87 7.84
C GLU D 131 17.33 18.98 8.37
N ILE D 132 18.52 19.12 7.76
CA ILE D 132 19.67 18.31 8.14
C ILE D 132 20.92 19.18 8.12
N PHE D 133 21.94 18.77 8.88
CA PHE D 133 23.22 19.48 8.92
C PHE D 133 24.09 19.05 7.74
N VAL D 134 24.51 20.02 6.92
CA VAL D 134 25.39 19.78 5.77
C VAL D 134 26.67 20.61 5.89
N ILE D 135 27.69 20.20 5.13
CA ILE D 135 28.97 20.86 5.13
CA ILE D 135 29.00 20.82 5.13
C ILE D 135 29.34 21.24 3.70
N ASP D 136 30.07 22.34 3.55
CA ASP D 136 30.44 22.80 2.21
C ASP D 136 31.84 23.39 2.27
N ASP D 137 32.77 22.82 1.50
CA ASP D 137 34.15 23.30 1.46
C ASP D 137 34.80 23.29 2.83
N GLY D 138 34.51 22.24 3.61
CA GLY D 138 34.98 22.11 4.96
C GLY D 138 34.31 23.00 5.97
N ASN D 139 33.49 23.96 5.54
CA ASN D 139 32.81 24.82 6.47
C ASN D 139 31.54 24.16 7.01
N ARG D 140 31.17 24.51 8.23
CA ARG D 140 29.97 24.02 8.89
C ARG D 140 28.96 25.16 8.92
N PRO D 141 28.14 25.32 7.88
CA PRO D 141 27.25 26.49 7.82
C PRO D 141 26.17 26.42 8.87
N VAL D 142 25.79 27.60 9.38
CA VAL D 142 24.77 27.68 10.42
C VAL D 142 23.38 27.41 9.85
N ASN D 143 23.13 27.74 8.58
CA ASN D 143 21.85 27.41 7.98
C ASN D 143 21.73 25.91 7.76
N PRO D 144 20.57 25.31 8.04
CA PRO D 144 20.41 23.88 7.76
C PRO D 144 20.41 23.61 6.26
N GLY D 145 20.91 22.43 5.91
CA GLY D 145 20.63 21.86 4.60
C GLY D 145 19.23 21.25 4.57
N LEU D 146 18.84 20.79 3.37
CA LEU D 146 17.51 20.24 3.17
C LEU D 146 17.60 18.98 2.33
N ILE D 147 16.98 17.89 2.78
CA ILE D 147 16.81 16.70 1.96
C ILE D 147 15.34 16.56 1.60
N THR D 148 15.07 16.30 0.33
CA THR D 148 13.71 16.07 -0.14
C THR D 148 13.65 14.68 -0.75
N LEU D 149 12.71 13.87 -0.26
CA LEU D 149 12.46 12.54 -0.82
C LEU D 149 11.25 12.65 -1.73
N LEU D 150 11.43 12.31 -3.02
CA LEU D 150 10.35 12.45 -3.99
C LEU D 150 9.62 11.14 -4.20
N SER D 151 8.35 11.24 -4.60
CA SER D 151 7.53 10.05 -4.81
C SER D 151 8.04 9.19 -5.96
N ASN D 152 8.80 9.75 -6.90
CA ASN D 152 9.41 8.95 -7.96
C ASN D 152 10.70 8.26 -7.52
N GLY D 153 11.07 8.40 -6.24
CA GLY D 153 12.24 7.75 -5.72
C GLY D 153 13.53 8.53 -5.82
N GLN D 154 13.50 9.72 -6.41
CA GLN D 154 14.69 10.56 -6.42
C GLN D 154 14.92 11.15 -5.03
N ILE D 155 16.20 11.27 -4.66
CA ILE D 155 16.64 11.94 -3.44
C ILE D 155 17.43 13.17 -3.86
N VAL D 156 17.12 14.31 -3.25
CA VAL D 156 17.85 15.56 -3.51
C VAL D 156 18.29 16.13 -2.17
N VAL D 157 19.56 16.54 -2.09
CA VAL D 157 20.12 17.21 -0.91
C VAL D 157 20.63 18.58 -1.33
N TYR D 158 20.11 19.61 -0.68
CA TYR D 158 20.45 21.00 -0.94
C TYR D 158 21.35 21.55 0.16
N LYS D 159 22.19 22.51 -0.21
CA LYS D 159 23.07 23.17 0.75
C LYS D 159 22.28 24.00 1.76
N ASP D 160 21.14 24.56 1.34
CA ASP D 160 20.26 25.30 2.25
C ASP D 160 18.83 25.12 1.79
N ASN D 161 17.90 25.75 2.51
CA ASN D 161 16.49 25.62 2.20
C ASN D 161 16.09 26.33 0.92
N ASN D 162 16.92 27.22 0.40
CA ASN D 162 16.59 28.04 -0.77
C ASN D 162 17.20 27.48 -2.04
N LEU D 163 17.05 26.16 -2.24
CA LEU D 163 17.60 25.47 -3.41
C LEU D 163 19.12 25.62 -3.51
N GLY D 164 19.78 25.78 -2.38
CA GLY D 164 21.20 26.10 -2.39
C GLY D 164 22.05 24.99 -2.95
N GLN D 165 23.11 25.37 -3.64
CA GLN D 165 24.05 24.43 -4.23
C GLN D 165 25.33 24.35 -3.39
N PHE D 166 25.95 23.19 -3.40
CA PHE D 166 27.29 23.05 -2.85
C PHE D 166 28.27 23.71 -3.80
N THR D 167 29.44 24.09 -3.28
CA THR D 167 30.30 25.08 -3.92
C THR D 167 31.65 24.48 -4.27
N THR D 168 32.15 24.77 -5.46
CA THR D 168 33.49 24.35 -5.86
C THR D 168 34.51 24.75 -4.80
N GLY D 169 35.33 23.81 -4.39
CA GLY D 169 36.33 24.10 -3.39
C GLY D 169 36.77 22.86 -2.65
N ILE D 170 37.77 23.06 -1.79
CA ILE D 170 38.39 21.99 -1.03
C ILE D 170 37.81 21.99 0.38
N GLY D 171 38.04 20.90 1.09
CA GLY D 171 37.63 20.76 2.48
C GLY D 171 36.49 19.78 2.69
N GLY D 172 35.76 19.43 1.63
CA GLY D 172 34.69 18.48 1.73
C GLY D 172 33.32 19.12 1.69
N SER D 173 32.46 18.63 0.81
CA SER D 173 31.09 19.08 0.68
C SER D 173 30.17 17.87 0.71
N GLY D 174 29.05 18.01 1.42
CA GLY D 174 28.13 16.90 1.59
C GLY D 174 27.60 16.88 3.00
N PHE D 175 27.68 15.73 3.69
CA PHE D 175 27.10 15.67 5.02
C PHE D 175 27.73 14.58 5.87
N ASN D 176 27.74 14.81 7.17
CA ASN D 176 27.92 13.78 8.18
C ASN D 176 26.68 12.89 8.23
N PRO D 177 26.77 11.72 8.85
CA PRO D 177 25.59 10.85 8.94
C PRO D 177 24.42 11.53 9.60
N PHE D 178 23.22 11.19 9.11
CA PHE D 178 21.98 11.75 9.63
C PHE D 178 20.89 10.71 9.45
N SER D 179 19.73 10.99 10.02
CA SER D 179 18.62 10.05 9.90
C SER D 179 17.32 10.82 9.76
N ILE D 180 16.38 10.28 8.96
CA ILE D 180 15.08 10.87 8.75
C ILE D 180 14.02 9.77 8.81
N THR D 181 12.84 10.12 9.30
CA THR D 181 11.76 9.16 9.53
C THR D 181 10.45 9.74 9.02
N TYR D 182 9.65 8.92 8.33
CA TYR D 182 8.43 9.41 7.70
C TYR D 182 7.53 8.25 7.34
N MET D 183 6.22 8.52 7.26
CA MET D 183 5.29 7.56 6.66
C MET D 183 5.19 7.78 5.17
N VAL D 184 5.06 6.70 4.41
CA VAL D 184 4.96 6.80 2.96
C VAL D 184 3.68 7.53 2.60
N ILE E 3 32.73 -6.36 -41.27
CA ILE E 3 31.31 -6.08 -41.47
C ILE E 3 30.57 -7.33 -41.89
N SER E 4 31.17 -8.07 -42.84
CA SER E 4 30.58 -9.32 -43.30
C SER E 4 30.29 -10.27 -42.14
N SER E 5 31.15 -10.27 -41.12
CA SER E 5 30.91 -11.11 -39.95
C SER E 5 29.69 -10.66 -39.16
N LEU E 6 29.32 -9.38 -39.24
CA LEU E 6 28.14 -8.88 -38.55
C LEU E 6 26.85 -9.17 -39.31
N LEU E 7 26.95 -9.48 -40.60
CA LEU E 7 25.77 -9.75 -41.41
C LEU E 7 25.26 -11.17 -41.25
N GLU E 8 26.00 -12.02 -40.55
CA GLU E 8 25.58 -13.37 -40.23
C GLU E 8 25.85 -13.64 -38.76
N LYS E 9 25.27 -14.72 -38.26
CA LYS E 9 25.38 -15.07 -36.85
C LYS E 9 26.84 -15.06 -36.40
N ASN E 10 27.05 -14.50 -35.20
CA ASN E 10 28.37 -14.40 -34.60
C ASN E 10 28.21 -14.51 -33.09
N ILE E 11 29.33 -14.50 -32.38
CA ILE E 11 29.32 -14.53 -30.92
C ILE E 11 29.59 -13.15 -30.31
N TYR E 12 29.40 -12.09 -31.10
CA TYR E 12 29.79 -10.74 -30.67
C TYR E 12 28.78 -10.13 -29.71
N ASN E 13 29.26 -9.72 -28.54
CA ASN E 13 28.48 -8.85 -27.66
C ASN E 13 28.79 -7.42 -28.09
N VAL E 14 27.93 -6.88 -28.94
CA VAL E 14 28.15 -5.57 -29.54
C VAL E 14 27.80 -4.47 -28.54
N HIS E 15 28.64 -3.44 -28.50
CA HIS E 15 28.39 -2.23 -27.75
C HIS E 15 28.13 -1.09 -28.73
N ASN E 16 27.15 -0.27 -28.42
CA ASN E 16 26.90 0.95 -29.18
C ASN E 16 26.26 2.01 -28.30
N LYS E 17 26.61 3.27 -28.58
CA LYS E 17 26.00 4.37 -27.85
C LYS E 17 24.48 4.42 -28.07
N SER E 18 24.04 3.98 -29.25
CA SER E 18 22.62 3.81 -29.53
C SER E 18 22.51 2.92 -30.75
N ASN E 19 21.28 2.47 -31.03
CA ASN E 19 21.03 1.60 -32.18
C ASN E 19 19.81 2.12 -32.93
N THR E 20 20.00 2.53 -34.19
CA THR E 20 18.93 3.10 -35.00
C THR E 20 18.45 2.09 -36.02
N LEU E 21 17.16 1.76 -35.97
CA LEU E 21 16.54 0.73 -36.80
C LEU E 21 15.79 1.37 -37.95
N THR E 22 16.10 0.98 -39.19
CA THR E 22 15.41 1.54 -40.35
C THR E 22 13.91 1.27 -40.27
N ASN E 23 13.11 2.29 -40.59
CA ASN E 23 11.66 2.11 -40.61
C ASN E 23 11.29 1.31 -41.86
N VAL E 24 10.75 0.12 -41.66
CA VAL E 24 10.45 -0.82 -42.74
C VAL E 24 9.04 -1.37 -42.55
N PRO E 25 8.37 -1.79 -43.63
CA PRO E 25 6.98 -2.24 -43.48
C PRO E 25 6.81 -3.67 -43.01
N ALA E 26 7.90 -4.44 -42.91
CA ALA E 26 7.80 -5.85 -42.56
C ALA E 26 9.15 -6.30 -41.99
N ASN E 27 9.10 -7.30 -41.12
CA ASN E 27 10.28 -7.92 -40.53
C ASN E 27 11.29 -8.28 -41.62
N PRO E 28 12.47 -7.64 -41.65
CA PRO E 28 13.38 -7.86 -42.79
C PRO E 28 13.95 -9.25 -42.87
N THR E 29 14.04 -9.98 -41.75
CA THR E 29 14.57 -11.34 -41.75
C THR E 29 13.50 -12.41 -41.62
N GLY E 30 12.33 -12.07 -41.07
CA GLY E 30 11.31 -13.03 -40.75
C GLY E 30 11.49 -13.76 -39.44
N ASN E 31 12.56 -13.48 -38.70
CA ASN E 31 12.87 -14.28 -37.51
C ASN E 31 12.23 -13.71 -36.27
N THR E 32 11.89 -14.61 -35.34
CA THR E 32 11.21 -14.21 -34.11
C THR E 32 12.13 -13.46 -33.15
N ASN E 33 13.43 -13.46 -33.38
CA ASN E 33 14.39 -12.78 -32.53
C ASN E 33 15.02 -11.57 -33.21
N THR E 34 14.38 -11.06 -34.25
CA THR E 34 14.86 -9.86 -34.93
C THR E 34 14.08 -8.64 -34.46
N VAL E 35 14.82 -7.63 -34.01
CA VAL E 35 14.26 -6.34 -33.64
C VAL E 35 14.24 -5.46 -34.89
N TRP E 36 13.12 -4.78 -35.12
CA TRP E 36 12.99 -3.92 -36.28
C TRP E 36 12.01 -2.81 -35.96
N SER E 37 11.94 -1.83 -36.87
CA SER E 37 11.12 -0.64 -36.70
C SER E 37 10.06 -0.60 -37.79
N ASN E 38 8.81 -0.48 -37.39
CA ASN E 38 7.65 -0.68 -38.27
C ASN E 38 7.16 0.66 -38.84
N SER E 39 7.35 0.85 -40.15
CA SER E 39 6.98 2.09 -40.84
C SER E 39 5.49 2.19 -41.16
N ASN E 40 4.69 1.18 -40.82
CA ASN E 40 3.25 1.27 -41.06
C ASN E 40 2.57 2.23 -40.10
N PHE E 41 3.28 2.68 -39.06
CA PHE E 41 2.79 3.65 -38.09
C PHE E 41 3.71 4.85 -38.08
N THR E 42 3.16 6.02 -37.75
CA THR E 42 3.98 7.19 -37.47
C THR E 42 3.52 7.79 -36.14
N PRO E 43 4.41 7.95 -35.15
CA PRO E 43 5.81 7.48 -35.18
C PRO E 43 5.89 5.96 -35.32
N PRO E 44 7.04 5.43 -35.74
CA PRO E 44 7.14 3.99 -36.01
C PRO E 44 7.02 3.18 -34.73
N HIS E 45 6.80 1.88 -34.89
CA HIS E 45 6.65 0.95 -33.77
C HIS E 45 7.85 0.01 -33.67
N LEU E 46 8.36 -0.13 -32.45
CA LEU E 46 9.41 -1.12 -32.18
C LEU E 46 8.81 -2.52 -32.19
N MET E 47 9.43 -3.42 -32.95
CA MET E 47 8.98 -4.79 -33.12
C MET E 47 10.06 -5.76 -32.68
N TYR E 48 9.61 -6.90 -32.14
CA TYR E 48 10.49 -8.02 -31.80
C TYR E 48 9.82 -9.25 -32.41
N GLY E 49 10.37 -9.74 -33.52
CA GLY E 49 9.64 -10.71 -34.32
C GLY E 49 8.34 -10.10 -34.79
N ALA E 50 7.23 -10.79 -34.54
CA ALA E 50 5.91 -10.27 -34.87
C ALA E 50 5.28 -9.48 -33.73
N SER E 51 5.95 -9.35 -32.59
CA SER E 51 5.40 -8.65 -31.43
CA SER E 51 5.39 -8.66 -31.45
C SER E 51 5.62 -7.15 -31.58
N ASP E 52 4.54 -6.39 -31.51
CA ASP E 52 4.59 -4.93 -31.57
C ASP E 52 4.76 -4.40 -30.15
N ILE E 53 6.00 -4.05 -29.80
CA ILE E 53 6.30 -3.58 -28.45
C ILE E 53 5.66 -2.21 -28.21
N THR E 54 5.79 -1.31 -29.18
CA THR E 54 5.25 0.04 -29.00
C THR E 54 3.74 0.01 -28.83
N GLN E 55 3.04 -0.78 -29.65
CA GLN E 55 1.59 -0.81 -29.49
C GLN E 55 1.19 -1.42 -28.15
N ALA E 56 1.87 -2.49 -27.73
CA ALA E 56 1.55 -3.10 -26.44
C ALA E 56 1.77 -2.13 -25.30
N ILE E 57 2.90 -1.39 -25.33
CA ILE E 57 3.21 -0.38 -24.32
C ILE E 57 2.14 0.70 -24.29
N GLY E 58 1.72 1.17 -25.44
CA GLY E 58 0.69 2.19 -25.49
C GLY E 58 -0.62 1.71 -24.93
N ASN E 59 -0.91 0.42 -25.08
CA ASN E 59 -2.19 -0.14 -24.69
C ASN E 59 -2.31 -0.39 -23.20
N ILE E 60 -1.20 -0.33 -22.46
CA ILE E 60 -1.22 -0.63 -21.02
C ILE E 60 -1.07 0.64 -20.20
N SER E 61 -1.42 1.79 -20.78
CA SER E 61 -1.44 3.03 -20.02
C SER E 61 -2.29 2.87 -18.76
N LEU E 62 -1.81 3.44 -17.66
CA LEU E 62 -2.55 3.39 -16.40
C LEU E 62 -2.33 4.67 -15.62
N THR E 63 -3.42 5.25 -15.13
CA THR E 63 -3.35 6.30 -14.13
C THR E 63 -4.24 5.91 -12.96
N THR E 64 -3.91 6.40 -11.77
CA THR E 64 -4.67 6.08 -10.58
C THR E 64 -4.44 7.16 -9.55
N GLY E 65 -5.41 7.32 -8.65
CA GLY E 65 -5.33 8.34 -7.61
C GLY E 65 -6.71 8.60 -7.06
N SER E 66 -7.01 9.87 -6.75
CA SER E 66 -8.33 10.25 -6.29
C SER E 66 -8.65 11.67 -6.73
N PHE E 67 -9.93 12.01 -6.66
CA PHE E 67 -10.39 13.37 -6.90
C PHE E 67 -11.41 13.77 -5.84
N SER E 68 -11.40 15.05 -5.47
CA SER E 68 -12.37 15.53 -4.50
C SER E 68 -13.74 15.63 -5.16
N LEU E 69 -14.77 15.17 -4.45
CA LEU E 69 -16.14 15.19 -4.95
C LEU E 69 -17.07 15.80 -3.91
N SER E 70 -17.82 16.82 -4.32
CA SER E 70 -18.84 17.44 -3.48
C SER E 70 -20.21 16.99 -3.97
N LEU E 71 -20.98 16.35 -3.08
CA LEU E 71 -22.34 15.94 -3.36
C LEU E 71 -23.30 16.69 -2.45
N SER E 72 -24.51 16.95 -2.96
CA SER E 72 -25.49 17.70 -2.19
C SER E 72 -26.89 17.25 -2.58
N GLY E 73 -27.87 17.74 -1.81
CA GLY E 73 -29.26 17.50 -2.10
C GLY E 73 -30.11 17.40 -0.85
N PRO E 74 -30.22 16.19 -0.31
CA PRO E 74 -31.06 15.99 0.88
C PRO E 74 -30.45 16.53 2.17
N TRP E 75 -29.12 16.68 2.21
CA TRP E 75 -28.45 17.01 3.46
C TRP E 75 -28.48 18.51 3.72
N ALA E 76 -28.24 18.87 5.00
CA ALA E 76 -28.22 20.28 5.38
C ALA E 76 -27.13 21.04 4.64
N SER E 77 -26.01 20.39 4.37
CA SER E 77 -24.84 20.98 3.75
C SER E 77 -24.22 19.94 2.83
N PRO E 78 -23.47 20.37 1.80
CA PRO E 78 -22.81 19.40 0.93
C PRO E 78 -21.81 18.55 1.70
N LEU E 79 -21.63 17.33 1.22
CA LEU E 79 -20.61 16.42 1.75
C LEU E 79 -19.48 16.30 0.74
N VAL E 80 -18.25 16.35 1.23
CA VAL E 80 -17.06 16.34 0.38
C VAL E 80 -16.19 15.15 0.79
N GLN E 81 -15.84 14.31 -0.18
CA GLN E 81 -14.96 13.17 0.04
C GLN E 81 -14.12 12.95 -1.21
N ASN E 82 -13.01 12.25 -1.04
CA ASN E 82 -12.16 11.87 -2.17
C ASN E 82 -12.64 10.54 -2.74
N VAL E 83 -12.86 10.51 -4.05
CA VAL E 83 -13.26 9.30 -4.76
C VAL E 83 -12.01 8.72 -5.43
N ALA E 84 -11.74 7.44 -5.17
CA ALA E 84 -10.58 6.77 -5.76
C ALA E 84 -10.88 6.33 -7.18
N TYR E 85 -9.87 6.33 -8.04
CA TYR E 85 -10.05 5.91 -9.41
C TYR E 85 -8.83 5.16 -9.93
N THR E 86 -9.09 4.32 -10.93
CA THR E 86 -8.07 3.73 -11.77
C THR E 86 -8.54 3.82 -13.21
N LYS E 87 -7.65 4.20 -14.13
CA LYS E 87 -7.95 4.14 -15.56
C LYS E 87 -6.86 3.35 -16.25
N ILE E 88 -7.24 2.27 -16.93
CA ILE E 88 -6.32 1.41 -17.68
C ILE E 88 -6.81 1.40 -19.11
N ASN E 89 -6.03 1.96 -20.04
CA ASN E 89 -6.52 2.13 -21.40
C ASN E 89 -7.82 2.94 -21.33
N ASN E 90 -8.95 2.40 -21.81
CA ASN E 90 -10.22 3.11 -21.75
C ASN E 90 -11.11 2.66 -20.58
N LEU E 91 -10.61 1.79 -19.71
CA LEU E 91 -11.39 1.20 -18.62
C LEU E 91 -11.20 1.98 -17.33
N VAL E 92 -12.31 2.34 -16.68
CA VAL E 92 -12.29 3.17 -15.47
C VAL E 92 -12.93 2.42 -14.31
N ASN E 93 -12.28 2.47 -13.14
CA ASN E 93 -12.94 2.12 -11.89
C ASN E 93 -13.06 3.36 -11.03
N LEU E 94 -14.21 3.53 -10.38
CA LEU E 94 -14.40 4.52 -9.32
C LEU E 94 -14.78 3.79 -8.05
N THR E 95 -14.09 4.11 -6.95
CA THR E 95 -14.43 3.52 -5.65
C THR E 95 -14.77 4.65 -4.69
N PHE E 96 -16.05 4.69 -4.26
CA PHE E 96 -16.58 5.78 -3.46
C PHE E 96 -16.48 5.47 -1.98
N PRO E 97 -16.02 6.41 -1.17
CA PRO E 97 -16.14 6.31 0.28
C PRO E 97 -17.58 6.58 0.71
N PRO E 98 -17.90 6.46 2.01
CA PRO E 98 -19.28 6.73 2.43
C PRO E 98 -19.64 8.20 2.26
N PHE E 99 -20.85 8.45 1.76
CA PHE E 99 -21.46 9.78 1.82
C PHE E 99 -22.78 9.59 2.56
N GLN E 100 -22.84 10.02 3.82
CA GLN E 100 -24.03 9.82 4.65
C GLN E 100 -24.16 10.97 5.63
N ALA E 101 -25.37 11.50 5.75
CA ALA E 101 -25.69 12.48 6.77
C ALA E 101 -27.20 12.51 6.91
N ASN E 102 -27.68 13.20 7.93
CA ASN E 102 -29.12 13.32 8.08
C ASN E 102 -29.66 14.15 6.93
N ALA E 103 -30.91 13.89 6.56
CA ALA E 103 -31.55 14.58 5.47
C ALA E 103 -32.48 15.65 6.02
N THR E 104 -32.28 16.90 5.57
CA THR E 104 -33.17 17.99 5.95
C THR E 104 -34.18 18.34 4.87
N SER E 105 -34.04 17.75 3.68
CA SER E 105 -35.00 17.93 2.60
C SER E 105 -35.09 16.63 1.82
N SER E 106 -36.10 16.54 0.98
CA SER E 106 -36.29 15.38 0.12
C SER E 106 -35.73 15.70 -1.27
N ALA E 107 -34.75 14.93 -1.70
CA ALA E 107 -34.05 15.25 -2.94
C ALA E 107 -33.19 14.06 -3.37
N VAL E 108 -32.87 14.04 -4.66
CA VAL E 108 -31.83 13.14 -5.15
C VAL E 108 -30.50 13.69 -4.70
N ILE E 109 -29.44 12.90 -4.80
CA ILE E 109 -28.08 13.33 -4.51
C ILE E 109 -27.41 13.63 -5.84
N ASN E 110 -26.77 14.78 -5.96
CA ASN E 110 -26.02 15.00 -7.19
C ASN E 110 -24.81 15.87 -6.96
N SER E 111 -23.89 15.81 -7.90
CA SER E 111 -22.75 16.70 -7.97
C SER E 111 -23.10 17.89 -8.87
N ALA E 112 -22.17 18.82 -8.96
CA ALA E 112 -22.24 19.84 -10.00
C ALA E 112 -21.86 19.22 -11.35
N ILE E 113 -22.24 19.90 -12.42
CA ILE E 113 -21.79 19.52 -13.74
C ILE E 113 -20.27 19.67 -13.80
N GLY E 114 -19.61 18.70 -14.42
CA GLY E 114 -18.17 18.72 -14.52
C GLY E 114 -17.43 18.10 -13.36
N ALA E 115 -18.15 17.50 -12.40
CA ALA E 115 -17.49 16.99 -11.19
C ALA E 115 -16.55 15.84 -11.50
N LEU E 116 -16.95 14.92 -12.35
CA LEU E 116 -16.07 13.83 -12.74
C LEU E 116 -14.92 14.40 -13.55
N PRO E 117 -13.67 14.03 -13.26
CA PRO E 117 -12.56 14.49 -14.09
C PRO E 117 -12.80 14.16 -15.56
N ALA E 118 -12.36 15.07 -16.44
CA ALA E 118 -12.67 14.96 -17.85
C ALA E 118 -12.31 13.59 -18.43
N ASP E 119 -11.15 13.03 -18.03
CA ASP E 119 -10.71 11.79 -18.64
C ASP E 119 -11.45 10.57 -18.12
N LEU E 120 -12.33 10.73 -17.14
CA LEU E 120 -13.16 9.64 -16.63
C LEU E 120 -14.61 9.74 -17.09
N ARG E 121 -14.98 10.80 -17.81
CA ARG E 121 -16.36 10.95 -18.23
C ARG E 121 -16.72 10.00 -19.36
N PRO E 122 -17.93 9.42 -19.34
CA PRO E 122 -18.38 8.64 -20.50
C PRO E 122 -18.37 9.50 -21.75
N THR E 123 -17.85 8.91 -22.83
CA THR E 123 -17.87 9.53 -24.15
C THR E 123 -18.57 8.68 -25.20
N THR E 124 -18.52 7.35 -25.05
CA THR E 124 -19.24 6.45 -25.96
C THR E 124 -20.74 6.50 -25.70
N ASN E 125 -21.13 6.84 -24.48
CA ASN E 125 -22.52 6.86 -24.06
C ASN E 125 -22.80 8.15 -23.31
N ILE E 126 -24.06 8.58 -23.35
CA ILE E 126 -24.46 9.82 -22.67
C ILE E 126 -24.54 9.61 -21.17
N GLN E 127 -24.90 8.41 -20.72
CA GLN E 127 -24.87 8.07 -19.31
C GLN E 127 -24.52 6.59 -19.20
N VAL E 128 -23.99 6.20 -18.04
CA VAL E 128 -23.81 4.80 -17.68
C VAL E 128 -24.40 4.60 -16.30
N ASP E 129 -25.17 3.53 -16.13
CA ASP E 129 -26.02 3.32 -14.97
C ASP E 129 -25.58 2.10 -14.18
N PHE E 130 -25.69 2.17 -12.85
CA PHE E 130 -25.29 1.08 -11.98
C PHE E 130 -26.25 0.94 -10.80
N GLU E 131 -26.61 -0.30 -10.48
CA GLU E 131 -27.37 -0.61 -9.27
C GLU E 131 -26.44 -0.63 -8.07
N ILE E 132 -26.79 0.10 -7.02
CA ILE E 132 -25.96 0.19 -5.82
C ILE E 132 -26.85 0.18 -4.58
N PHE E 133 -26.28 -0.20 -3.44
CA PHE E 133 -26.99 -0.20 -2.17
C PHE E 133 -26.94 1.17 -1.53
N VAL E 134 -28.12 1.75 -1.25
CA VAL E 134 -28.22 3.06 -0.61
C VAL E 134 -29.00 2.94 0.70
N ILE E 135 -28.87 3.97 1.53
CA ILE E 135 -29.51 4.04 2.85
C ILE E 135 -30.32 5.32 2.92
N ASP E 136 -31.43 5.28 3.66
CA ASP E 136 -32.27 6.46 3.80
C ASP E 136 -32.86 6.49 5.19
N ASP E 137 -32.55 7.54 5.94
CA ASP E 137 -33.05 7.73 7.31
C ASP E 137 -32.69 6.56 8.21
N GLY E 138 -31.46 6.04 8.03
CA GLY E 138 -31.01 4.88 8.77
C GLY E 138 -31.57 3.56 8.30
N ASN E 139 -32.59 3.58 7.44
CA ASN E 139 -33.15 2.34 6.92
C ASN E 139 -32.32 1.82 5.76
N ARG E 140 -32.34 0.50 5.57
CA ARG E 140 -31.64 -0.19 4.50
C ARG E 140 -32.68 -0.71 3.50
N PRO E 141 -33.09 0.09 2.51
CA PRO E 141 -34.19 -0.33 1.63
C PRO E 141 -33.79 -1.50 0.74
N VAL E 142 -34.76 -2.37 0.47
CA VAL E 142 -34.48 -3.57 -0.33
C VAL E 142 -34.35 -3.24 -1.82
N ASN E 143 -35.04 -2.20 -2.31
CA ASN E 143 -34.83 -1.80 -3.69
C ASN E 143 -33.43 -1.20 -3.85
N PRO E 144 -32.74 -1.50 -4.94
CA PRO E 144 -31.43 -0.86 -5.17
C PRO E 144 -31.57 0.63 -5.44
N GLY E 145 -30.58 1.38 -5.00
CA GLY E 145 -30.38 2.71 -5.53
C GLY E 145 -29.75 2.65 -6.92
N LEU E 146 -29.66 3.81 -7.55
CA LEU E 146 -29.12 3.92 -8.90
C LEU E 146 -28.14 5.08 -8.96
N ILE E 147 -26.94 4.83 -9.47
CA ILE E 147 -26.01 5.91 -9.80
C ILE E 147 -25.91 6.02 -11.31
N THR E 148 -26.00 7.25 -11.81
CA THR E 148 -25.84 7.54 -13.24
C THR E 148 -24.66 8.48 -13.39
N LEU E 149 -23.68 8.07 -14.20
CA LEU E 149 -22.55 8.91 -14.57
C LEU E 149 -22.86 9.54 -15.93
N LEU E 150 -22.87 10.88 -15.99
CA LEU E 150 -23.26 11.57 -17.21
C LEU E 150 -22.03 12.05 -17.99
N SER E 151 -22.21 12.17 -19.30
CA SER E 151 -21.10 12.60 -20.15
C SER E 151 -20.64 14.02 -19.86
N ASN E 152 -21.48 14.85 -19.26
CA ASN E 152 -21.05 16.19 -18.86
C ASN E 152 -20.31 16.19 -17.52
N GLY E 153 -20.06 15.02 -16.92
CA GLY E 153 -19.33 14.95 -15.68
C GLY E 153 -20.18 15.00 -14.42
N GLN E 154 -21.49 15.21 -14.55
CA GLN E 154 -22.34 15.17 -13.37
C GLN E 154 -22.55 13.75 -12.90
N ILE E 155 -22.61 13.58 -11.59
CA ILE E 155 -22.91 12.31 -10.93
C ILE E 155 -24.25 12.49 -10.23
N VAL E 156 -25.18 11.57 -10.45
CA VAL E 156 -26.47 11.59 -9.78
C VAL E 156 -26.68 10.26 -9.08
N VAL E 157 -27.11 10.29 -7.82
CA VAL E 157 -27.45 9.08 -7.06
C VAL E 157 -28.91 9.18 -6.63
N TYR E 158 -29.71 8.21 -7.06
CA TYR E 158 -31.12 8.13 -6.74
C TYR E 158 -31.39 7.09 -5.67
N LYS E 159 -32.44 7.32 -4.88
CA LYS E 159 -32.83 6.36 -3.85
C LYS E 159 -33.34 5.05 -4.46
N ASP E 160 -33.94 5.11 -5.65
CA ASP E 160 -34.36 3.89 -6.33
C ASP E 160 -34.24 4.12 -7.84
N ASN E 161 -34.59 3.09 -8.61
CA ASN E 161 -34.48 3.17 -10.07
C ASN E 161 -35.49 4.11 -10.71
N ASN E 162 -36.53 4.50 -9.98
CA ASN E 162 -37.59 5.34 -10.53
C ASN E 162 -37.43 6.79 -10.12
N LEU E 163 -36.22 7.32 -10.25
CA LEU E 163 -35.91 8.72 -9.93
C LEU E 163 -36.17 9.02 -8.45
N GLY E 164 -36.03 8.01 -7.59
CA GLY E 164 -36.43 8.18 -6.20
C GLY E 164 -35.56 9.19 -5.47
N GLN E 165 -36.19 9.91 -4.55
CA GLN E 165 -35.48 10.90 -3.75
C GLN E 165 -35.24 10.35 -2.36
N PHE E 166 -34.16 10.82 -1.73
CA PHE E 166 -33.94 10.56 -0.32
C PHE E 166 -34.86 11.46 0.48
N THR E 167 -35.17 11.05 1.71
CA THR E 167 -36.29 11.60 2.46
C THR E 167 -35.80 12.32 3.72
N THR E 168 -36.44 13.45 4.04
CA THR E 168 -36.14 14.18 5.25
C THR E 168 -36.24 13.27 6.46
N GLY E 169 -35.23 13.31 7.31
CA GLY E 169 -35.20 12.45 8.47
C GLY E 169 -33.79 12.24 8.96
N ILE E 170 -33.69 11.64 10.15
CA ILE E 170 -32.42 11.39 10.78
C ILE E 170 -32.11 9.91 10.63
N GLY E 171 -30.88 9.52 10.96
CA GLY E 171 -30.45 8.14 10.89
C GLY E 171 -29.41 7.90 9.82
N GLY E 172 -29.29 8.82 8.86
CA GLY E 172 -28.32 8.70 7.79
C GLY E 172 -28.96 8.40 6.46
N SER E 173 -28.73 9.27 5.48
CA SER E 173 -29.20 9.03 4.12
C SER E 173 -28.01 9.16 3.19
N GLY E 174 -27.93 8.26 2.21
CA GLY E 174 -26.79 8.25 1.31
C GLY E 174 -26.35 6.83 1.02
N PHE E 175 -25.07 6.51 1.25
CA PHE E 175 -24.60 5.17 0.91
C PHE E 175 -23.34 4.81 1.67
N ASN E 176 -23.19 3.51 1.93
CA ASN E 176 -21.92 2.90 2.29
C ASN E 176 -20.99 2.89 1.08
N PRO E 177 -19.70 2.63 1.28
CA PRO E 177 -18.78 2.61 0.13
C PRO E 177 -19.20 1.58 -0.90
N PHE E 178 -18.95 1.93 -2.16
CA PHE E 178 -19.30 1.06 -3.28
C PHE E 178 -18.31 1.32 -4.40
N SER E 179 -18.38 0.51 -5.45
CA SER E 179 -17.46 0.66 -6.56
C SER E 179 -18.17 0.33 -7.86
N ILE E 180 -17.82 1.05 -8.93
CA ILE E 180 -18.39 0.85 -10.25
C ILE E 180 -17.27 0.89 -11.28
N THR E 181 -17.42 0.13 -12.36
CA THR E 181 -16.38 -0.03 -13.37
C THR E 181 -17.02 0.07 -14.76
N TYR E 182 -16.37 0.79 -15.68
CA TYR E 182 -16.97 1.04 -16.99
C TYR E 182 -15.89 1.52 -17.94
N MET E 183 -16.09 1.26 -19.24
CA MET E 183 -15.31 1.92 -20.27
C MET E 183 -15.94 3.25 -20.64
N VAL E 184 -15.09 4.25 -20.90
CA VAL E 184 -15.61 5.55 -21.26
C VAL E 184 -16.40 5.46 -22.57
N SER F 4 0.16 -42.40 33.21
CA SER F 4 0.84 -41.15 32.95
C SER F 4 2.30 -41.33 32.55
N SER F 5 2.52 -41.85 31.35
CA SER F 5 3.77 -41.69 30.62
C SER F 5 3.94 -40.27 30.09
N LEU F 6 2.99 -39.39 30.43
CA LEU F 6 3.01 -37.99 30.06
C LEU F 6 3.93 -37.17 30.94
N LEU F 7 4.36 -37.70 32.07
CA LEU F 7 5.22 -36.95 32.98
C LEU F 7 6.68 -36.99 32.57
N GLU F 8 7.01 -37.76 31.54
CA GLU F 8 8.35 -37.83 30.99
C GLU F 8 8.24 -37.80 29.47
N LYS F 9 9.38 -37.54 28.83
CA LYS F 9 9.41 -37.40 27.37
C LYS F 9 8.75 -38.59 26.69
N ASN F 10 8.00 -38.29 25.63
CA ASN F 10 7.27 -39.30 24.87
C ASN F 10 7.17 -38.82 23.42
N ILE F 11 6.59 -39.65 22.57
CA ILE F 11 6.39 -39.28 21.16
C ILE F 11 4.93 -38.89 20.89
N TYR F 12 4.17 -38.53 21.94
CA TYR F 12 2.74 -38.31 21.80
C TYR F 12 2.44 -36.94 21.19
N ASN F 13 1.68 -36.94 20.11
CA ASN F 13 1.06 -35.71 19.62
C ASN F 13 -0.28 -35.58 20.34
N VAL F 14 -0.28 -34.81 21.42
CA VAL F 14 -1.45 -34.70 22.28
C VAL F 14 -2.46 -33.75 21.65
N HIS F 15 -3.73 -34.13 21.71
CA HIS F 15 -4.84 -33.29 21.34
C HIS F 15 -5.61 -32.89 22.60
N ASN F 16 -6.00 -31.63 22.67
CA ASN F 16 -6.86 -31.17 23.74
C ASN F 16 -7.73 -30.02 23.28
N LYS F 17 -8.95 -29.95 23.80
CA LYS F 17 -9.82 -28.82 23.48
C LYS F 17 -9.21 -27.50 23.94
N SER F 18 -8.45 -27.53 25.02
CA SER F 18 -7.67 -26.38 25.49
C SER F 18 -6.63 -26.90 26.47
N ASN F 19 -5.68 -26.03 26.82
CA ASN F 19 -4.61 -26.37 27.75
C ASN F 19 -4.47 -25.28 28.79
N THR F 20 -4.70 -25.63 30.06
CA THR F 20 -4.66 -24.67 31.16
C THR F 20 -3.38 -24.87 31.97
N LEU F 21 -2.58 -23.80 32.05
CA LEU F 21 -1.26 -23.81 32.68
C LEU F 21 -1.34 -23.18 34.07
N THR F 22 -0.92 -23.92 35.10
CA THR F 22 -0.94 -23.38 36.45
C THR F 22 -0.12 -22.10 36.56
N ASN F 23 -0.67 -21.08 37.24
CA ASN F 23 0.08 -19.85 37.47
C ASN F 23 1.15 -20.12 38.52
N VAL F 24 2.42 -20.02 38.12
CA VAL F 24 3.55 -20.34 38.97
C VAL F 24 4.58 -19.22 38.90
N PRO F 25 5.40 -19.02 39.94
CA PRO F 25 6.36 -17.89 39.91
C PRO F 25 7.62 -18.15 39.12
N ALA F 26 7.87 -19.38 38.67
CA ALA F 26 9.10 -19.70 37.97
C ALA F 26 8.89 -20.94 37.10
N ASN F 27 9.68 -21.03 36.03
CA ASN F 27 9.67 -22.18 35.12
C ASN F 27 9.75 -23.48 35.92
N PRO F 28 8.70 -24.31 35.92
CA PRO F 28 8.72 -25.51 36.77
C PRO F 28 9.78 -26.54 36.39
N THR F 29 10.23 -26.57 35.13
CA THR F 29 11.24 -27.53 34.72
C THR F 29 12.60 -26.92 34.51
N GLY F 30 12.68 -25.61 34.25
CA GLY F 30 13.91 -24.97 33.85
C GLY F 30 14.25 -25.10 32.39
N ASN F 31 13.44 -25.81 31.59
CA ASN F 31 13.80 -26.08 30.20
C ASN F 31 13.39 -24.93 29.29
N THR F 32 14.19 -24.72 28.24
CA THR F 32 13.89 -23.66 27.28
C THR F 32 12.70 -23.98 26.38
N ASN F 33 12.21 -25.22 26.41
CA ASN F 33 11.06 -25.62 25.59
C ASN F 33 9.84 -25.91 26.44
N THR F 34 9.81 -25.41 27.68
CA THR F 34 8.66 -25.58 28.55
C THR F 34 7.77 -24.34 28.52
N VAL F 35 6.51 -24.54 28.22
CA VAL F 35 5.50 -23.48 28.27
C VAL F 35 4.93 -23.46 29.68
N TRP F 36 4.80 -22.25 30.26
CA TRP F 36 4.28 -22.11 31.61
C TRP F 36 3.60 -20.75 31.74
N SER F 37 2.91 -20.57 32.87
CA SER F 37 2.13 -19.37 33.13
C SER F 37 2.69 -18.68 34.37
N ASN F 38 3.04 -17.40 34.22
CA ASN F 38 3.82 -16.66 35.21
C ASN F 38 2.89 -15.89 36.16
N SER F 39 2.87 -16.31 37.42
CA SER F 39 2.02 -15.70 38.45
C SER F 39 2.58 -14.40 39.01
N ASN F 40 3.75 -13.96 38.57
CA ASN F 40 4.28 -12.70 39.05
C ASN F 40 3.53 -11.50 38.50
N PHE F 41 2.68 -11.72 37.50
CA PHE F 41 1.83 -10.69 36.91
C PHE F 41 0.38 -11.10 37.03
N THR F 42 -0.51 -10.11 37.10
CA THR F 42 -1.94 -10.36 36.98
C THR F 42 -2.53 -9.41 35.95
N PRO F 43 -3.19 -9.90 34.89
CA PRO F 43 -3.31 -11.33 34.57
C PRO F 43 -1.95 -11.98 34.32
N PRO F 44 -1.87 -13.31 34.39
CA PRO F 44 -0.56 -13.98 34.27
C PRO F 44 0.01 -13.84 32.87
N HIS F 45 1.30 -14.15 32.75
CA HIS F 45 2.00 -14.06 31.47
C HIS F 45 2.35 -15.46 30.94
N LEU F 46 2.07 -15.67 29.66
CA LEU F 46 2.51 -16.89 28.98
C LEU F 46 4.01 -16.85 28.75
N MET F 47 4.70 -17.92 29.14
CA MET F 47 6.15 -18.03 29.03
C MET F 47 6.52 -19.25 28.20
N TYR F 48 7.63 -19.12 27.47
CA TYR F 48 8.23 -20.22 26.72
C TYR F 48 9.70 -20.21 27.12
N GLY F 49 10.09 -21.15 27.98
CA GLY F 49 11.38 -21.04 28.62
C GLY F 49 11.44 -19.77 29.44
N ALA F 50 12.47 -18.96 29.21
CA ALA F 50 12.60 -17.66 29.87
C ALA F 50 11.95 -16.53 29.07
N SER F 51 11.39 -16.80 27.90
CA SER F 51 10.79 -15.76 27.09
CA SER F 51 10.78 -15.77 27.08
C SER F 51 9.37 -15.47 27.54
N ASP F 52 9.09 -14.20 27.83
CA ASP F 52 7.76 -13.77 28.25
C ASP F 52 6.98 -13.38 27.01
N ILE F 53 6.12 -14.29 26.54
CA ILE F 53 5.36 -14.05 25.32
C ILE F 53 4.34 -12.93 25.53
N THR F 54 3.63 -12.96 26.67
CA THR F 54 2.61 -11.95 26.93
C THR F 54 3.21 -10.56 27.00
N GLN F 55 4.34 -10.41 27.70
CA GLN F 55 4.95 -9.09 27.80
C GLN F 55 5.41 -8.61 26.42
N ALA F 56 6.02 -9.49 25.64
CA ALA F 56 6.48 -9.11 24.31
C ALA F 56 5.32 -8.67 23.43
N ILE F 57 4.22 -9.43 23.46
CA ILE F 57 3.02 -9.10 22.70
C ILE F 57 2.48 -7.74 23.09
N GLY F 58 2.40 -7.47 24.40
CA GLY F 58 1.89 -6.18 24.84
C GLY F 58 2.78 -5.03 24.42
N ASN F 59 4.07 -5.29 24.30
CA ASN F 59 5.05 -4.25 24.00
C ASN F 59 5.07 -3.86 22.53
N ILE F 60 4.45 -4.65 21.66
CA ILE F 60 4.50 -4.37 20.22
C ILE F 60 3.15 -3.86 19.72
N SER F 61 2.35 -3.27 20.62
CA SER F 61 1.10 -2.63 20.21
C SER F 61 1.38 -1.61 19.13
N LEU F 62 0.51 -1.57 18.11
CA LEU F 62 0.66 -0.62 17.01
C LEU F 62 -0.72 -0.16 16.56
N THR F 63 -0.89 1.15 16.43
CA THR F 63 -2.03 1.70 15.71
C THR F 63 -1.51 2.66 14.65
N THR F 64 -2.30 2.83 13.58
CA THR F 64 -1.89 3.71 12.49
C THR F 64 -3.14 4.13 11.73
N GLY F 65 -3.04 5.28 11.06
CA GLY F 65 -4.16 5.84 10.33
C GLY F 65 -3.93 7.31 10.10
N SER F 66 -5.00 8.10 10.16
CA SER F 66 -4.90 9.55 10.01
C SER F 66 -5.97 10.22 10.85
N PHE F 67 -5.78 11.53 11.08
CA PHE F 67 -6.78 12.36 11.72
C PHE F 67 -6.90 13.68 10.99
N SER F 68 -8.12 14.23 10.95
CA SER F 68 -8.34 15.52 10.30
C SER F 68 -7.76 16.62 11.18
N LEU F 69 -7.03 17.55 10.56
CA LEU F 69 -6.43 18.67 11.27
C LEU F 69 -6.77 19.98 10.58
N SER F 70 -7.32 20.92 11.34
CA SER F 70 -7.61 22.27 10.86
C SER F 70 -6.57 23.22 11.45
N LEU F 71 -5.85 23.92 10.57
CA LEU F 71 -4.88 24.92 10.98
C LEU F 71 -5.33 26.28 10.46
N SER F 72 -4.98 27.33 11.20
CA SER F 72 -5.39 28.68 10.83
C SER F 72 -4.36 29.68 11.31
N GLY F 73 -4.52 30.92 10.86
CA GLY F 73 -3.69 32.02 11.31
C GLY F 73 -3.48 33.05 10.22
N PRO F 74 -2.43 32.87 9.42
CA PRO F 74 -2.11 33.86 8.38
C PRO F 74 -3.05 33.81 7.19
N TRP F 75 -3.72 32.69 6.97
CA TRP F 75 -4.49 32.50 5.75
C TRP F 75 -5.87 33.14 5.86
N ALA F 76 -6.50 33.35 4.70
CA ALA F 76 -7.84 33.94 4.67
C ALA F 76 -8.85 33.03 5.37
N SER F 77 -8.68 31.72 5.26
CA SER F 77 -9.57 30.73 5.83
C SER F 77 -8.74 29.57 6.34
N PRO F 78 -9.26 28.80 7.29
CA PRO F 78 -8.49 27.64 7.79
C PRO F 78 -8.27 26.63 6.69
N LEU F 79 -7.15 25.92 6.79
CA LEU F 79 -6.83 24.82 5.91
C LEU F 79 -7.00 23.50 6.65
N VAL F 80 -7.63 22.53 6.00
CA VAL F 80 -7.95 21.24 6.61
C VAL F 80 -7.31 20.13 5.79
N GLN F 81 -6.54 19.28 6.45
CA GLN F 81 -5.90 18.14 5.80
C GLN F 81 -5.82 17.00 6.79
N ASN F 82 -5.67 15.78 6.27
CA ASN F 82 -5.48 14.61 7.12
C ASN F 82 -4.00 14.42 7.42
N VAL F 83 -3.67 14.28 8.71
CA VAL F 83 -2.30 14.02 9.15
C VAL F 83 -2.18 12.54 9.44
N ALA F 84 -1.18 11.88 8.82
CA ALA F 84 -0.95 10.46 9.02
C ALA F 84 -0.19 10.23 10.32
N TYR F 85 -0.47 9.10 10.98
CA TYR F 85 0.21 8.78 12.22
C TYR F 85 0.48 7.29 12.33
N THR F 86 1.51 6.97 13.11
CA THR F 86 1.77 5.63 13.60
C THR F 86 2.13 5.74 15.08
N LYS F 87 1.58 4.85 15.90
CA LYS F 87 1.99 4.75 17.29
C LYS F 87 2.38 3.31 17.58
N ILE F 88 3.61 3.09 18.02
CA ILE F 88 4.13 1.77 18.39
C ILE F 88 4.57 1.86 19.83
N ASN F 89 3.92 1.12 20.72
CA ASN F 89 4.17 1.28 22.14
C ASN F 89 3.96 2.75 22.50
N ASN F 90 5.00 3.46 22.99
CA ASN F 90 4.86 4.88 23.31
C ASN F 90 5.42 5.81 22.24
N LEU F 91 5.86 5.27 21.10
CA LEU F 91 6.52 6.03 20.04
C LEU F 91 5.53 6.46 18.97
N VAL F 92 5.52 7.75 18.64
CA VAL F 92 4.57 8.33 17.69
C VAL F 92 5.33 8.91 16.50
N ASN F 93 4.82 8.64 15.30
CA ASN F 93 5.19 9.42 14.12
C ASN F 93 3.98 10.19 13.62
N LEU F 94 4.20 11.45 13.24
CA LEU F 94 3.21 12.24 12.50
C LEU F 94 3.80 12.62 11.16
N THR F 95 3.07 12.39 10.08
CA THR F 95 3.51 12.80 8.74
C THR F 95 2.48 13.75 8.16
N PHE F 96 2.87 15.03 7.99
CA PHE F 96 1.96 16.09 7.58
C PHE F 96 1.97 16.27 6.07
N PRO F 97 0.79 16.37 5.45
CA PRO F 97 0.71 16.80 4.05
C PRO F 97 0.96 18.30 3.95
N PRO F 98 1.00 18.87 2.75
CA PRO F 98 1.25 20.32 2.64
C PRO F 98 0.09 21.11 3.23
N PHE F 99 0.42 22.17 3.97
CA PHE F 99 -0.54 23.22 4.34
C PHE F 99 0.04 24.52 3.81
N GLN F 100 -0.53 25.05 2.73
CA GLN F 100 -0.01 26.25 2.09
C GLN F 100 -1.15 27.01 1.45
N ALA F 101 -1.14 28.32 1.64
CA ALA F 101 -2.07 29.22 0.98
C ALA F 101 -1.50 30.62 1.09
N ASN F 102 -2.10 31.55 0.35
CA ASN F 102 -1.68 32.93 0.49
C ASN F 102 -2.04 33.42 1.89
N ALA F 103 -1.26 34.37 2.38
CA ALA F 103 -1.45 34.90 3.72
C ALA F 103 -2.11 36.27 3.62
N THR F 104 -3.23 36.44 4.32
CA THR F 104 -3.91 37.72 4.37
C THR F 104 -3.65 38.49 5.66
N SER F 105 -2.99 37.84 6.63
CA SER F 105 -2.58 38.51 7.86
C SER F 105 -1.25 37.92 8.28
N SER F 106 -0.60 38.60 9.23
CA SER F 106 0.65 38.13 9.80
C SER F 106 0.36 37.42 11.10
N ALA F 107 0.73 36.13 11.18
CA ALA F 107 0.36 35.32 12.33
C ALA F 107 1.16 34.02 12.30
N VAL F 108 1.28 33.41 13.48
CA VAL F 108 1.75 32.02 13.56
C VAL F 108 0.63 31.14 13.01
N ILE F 109 0.95 29.88 12.74
CA ILE F 109 -0.03 28.88 12.35
C ILE F 109 -0.34 28.04 13.59
N ASN F 110 -1.62 27.85 13.89
CA ASN F 110 -1.92 26.94 14.99
C ASN F 110 -3.24 26.22 14.76
N SER F 111 -3.40 25.14 15.50
CA SER F 111 -4.66 24.42 15.61
C SER F 111 -5.43 24.93 16.82
N ALA F 112 -6.64 24.41 16.99
CA ALA F 112 -7.34 24.57 18.25
C ALA F 112 -6.69 23.68 19.31
N ILE F 113 -6.98 24.00 20.57
CA ILE F 113 -6.60 23.12 21.66
C ILE F 113 -7.34 21.81 21.51
N GLY F 114 -6.63 20.70 21.75
CA GLY F 114 -7.23 19.39 21.61
C GLY F 114 -7.16 18.79 20.22
N ALA F 115 -6.47 19.44 19.29
CA ALA F 115 -6.46 18.97 17.90
C ALA F 115 -5.75 17.63 17.76
N LEU F 116 -4.62 17.45 18.42
CA LEU F 116 -3.95 16.16 18.39
C LEU F 116 -4.83 15.12 19.09
N PRO F 117 -5.03 13.94 18.51
CA PRO F 117 -5.75 12.89 19.24
C PRO F 117 -5.11 12.65 20.59
N ALA F 118 -5.95 12.38 21.59
CA ALA F 118 -5.48 12.27 22.98
C ALA F 118 -4.30 11.31 23.10
N ASP F 119 -4.34 10.18 22.39
CA ASP F 119 -3.28 9.19 22.58
C ASP F 119 -1.97 9.55 21.89
N LEU F 120 -1.93 10.66 21.15
CA LEU F 120 -0.71 11.14 20.52
C LEU F 120 -0.12 12.36 21.23
N ARG F 121 -0.80 12.88 22.25
CA ARG F 121 -0.33 14.08 22.92
C ARG F 121 0.85 13.78 23.84
N PRO F 122 1.86 14.66 23.86
CA PRO F 122 2.94 14.51 24.85
C PRO F 122 2.36 14.49 26.25
N THR F 123 2.85 13.56 27.06
CA THR F 123 2.52 13.47 28.48
C THR F 123 3.75 13.55 29.38
N THR F 124 4.90 13.07 28.91
CA THR F 124 6.14 13.16 29.67
C THR F 124 6.66 14.58 29.69
N ASN F 125 6.31 15.36 28.66
CA ASN F 125 6.80 16.73 28.49
C ASN F 125 5.62 17.62 28.14
N ILE F 126 5.75 18.91 28.48
CA ILE F 126 4.67 19.86 28.22
C ILE F 126 4.63 20.24 26.75
N GLN F 127 5.79 20.25 26.09
CA GLN F 127 5.86 20.44 24.65
C GLN F 127 7.03 19.64 24.11
N VAL F 128 6.96 19.30 22.84
CA VAL F 128 8.10 18.72 22.11
C VAL F 128 8.30 19.52 20.83
N ASP F 129 9.55 19.88 20.55
CA ASP F 129 9.89 20.86 19.51
C ASP F 129 10.69 20.22 18.39
N PHE F 130 10.45 20.67 17.15
CA PHE F 130 11.12 20.15 15.97
C PHE F 130 11.43 21.25 14.97
N GLU F 131 12.64 21.22 14.42
CA GLU F 131 13.02 22.10 13.32
C GLU F 131 12.48 21.55 12.02
N ILE F 132 11.77 22.38 11.25
CA ILE F 132 11.16 21.97 9.99
C ILE F 132 11.32 23.08 8.96
N PHE F 133 11.27 22.70 7.67
CA PHE F 133 11.35 23.67 6.58
C PHE F 133 9.98 24.28 6.30
N VAL F 134 9.89 25.61 6.37
CA VAL F 134 8.64 26.32 6.10
C VAL F 134 8.85 27.30 4.96
N ILE F 135 7.73 27.75 4.38
CA ILE F 135 7.70 28.68 3.25
C ILE F 135 6.85 29.88 3.64
N ASP F 136 7.20 31.05 3.11
CA ASP F 136 6.44 32.26 3.41
C ASP F 136 6.44 33.15 2.18
N ASP F 137 5.25 33.45 1.67
CA ASP F 137 5.08 34.32 0.50
C ASP F 137 5.83 33.78 -0.72
N GLY F 138 5.85 32.46 -0.85
CA GLY F 138 6.57 31.82 -1.93
C GLY F 138 8.07 31.73 -1.72
N ASN F 139 8.62 32.45 -0.74
CA ASN F 139 10.05 32.38 -0.45
C ASN F 139 10.36 31.15 0.39
N ARG F 140 11.59 30.66 0.25
CA ARG F 140 12.09 29.51 0.99
C ARG F 140 13.14 30.01 1.97
N PRO F 141 12.75 30.43 3.18
CA PRO F 141 13.72 31.04 4.10
C PRO F 141 14.75 30.05 4.60
N VAL F 142 15.97 30.54 4.81
CA VAL F 142 17.07 29.68 5.25
C VAL F 142 16.97 29.31 6.72
N ASN F 143 16.40 30.16 7.55
CA ASN F 143 16.18 29.78 8.94
C ASN F 143 15.11 28.69 9.00
N PRO F 144 15.27 27.69 9.86
CA PRO F 144 14.21 26.69 10.02
C PRO F 144 12.97 27.27 10.67
N GLY F 145 11.81 26.76 10.28
CA GLY F 145 10.63 26.93 11.08
C GLY F 145 10.66 25.99 12.27
N LEU F 146 9.68 26.17 13.16
CA LEU F 146 9.59 25.38 14.39
C LEU F 146 8.16 24.91 14.57
N ILE F 147 7.98 23.61 14.79
CA ILE F 147 6.69 23.08 15.21
C ILE F 147 6.80 22.64 16.66
N THR F 148 5.81 23.03 17.46
CA THR F 148 5.72 22.63 18.86
C THR F 148 4.42 21.85 19.06
N LEU F 149 4.54 20.62 19.57
CA LEU F 149 3.38 19.82 19.95
C LEU F 149 3.17 20.00 21.45
N LEU F 150 1.97 20.44 21.84
CA LEU F 150 1.72 20.76 23.24
C LEU F 150 0.91 19.65 23.90
N SER F 151 1.10 19.51 25.21
CA SER F 151 0.40 18.47 25.95
C SER F 151 -1.11 18.62 25.94
N ASN F 152 -1.63 19.84 25.72
CA ASN F 152 -3.07 20.02 25.60
C ASN F 152 -3.59 19.68 24.20
N GLY F 153 -2.74 19.19 23.31
CA GLY F 153 -3.16 18.81 21.99
C GLY F 153 -3.07 19.90 20.94
N GLN F 154 -2.73 21.12 21.31
CA GLN F 154 -2.53 22.17 20.32
C GLN F 154 -1.24 21.95 19.56
N ILE F 155 -1.29 22.28 18.27
CA ILE F 155 -0.14 22.27 17.38
C ILE F 155 0.11 23.71 16.98
N VAL F 156 1.36 24.17 17.11
CA VAL F 156 1.75 25.51 16.67
C VAL F 156 2.93 25.38 15.73
N VAL F 157 2.87 26.10 14.61
CA VAL F 157 3.97 26.16 13.64
C VAL F 157 4.40 27.62 13.51
N TYR F 158 5.67 27.89 13.79
CA TYR F 158 6.24 29.22 13.71
C TYR F 158 7.11 29.35 12.46
N LYS F 159 7.19 30.58 11.93
CA LYS F 159 8.04 30.82 10.78
C LYS F 159 9.52 30.68 11.13
N ASP F 160 9.91 30.96 12.37
CA ASP F 160 11.29 30.72 12.80
C ASP F 160 11.28 30.33 14.27
N ASN F 161 12.48 30.08 14.81
CA ASN F 161 12.61 29.65 16.20
C ASN F 161 12.26 30.74 17.20
N ASN F 162 12.21 31.99 16.77
CA ASN F 162 11.97 33.11 17.68
C ASN F 162 10.52 33.58 17.64
N LEU F 163 9.58 32.63 17.70
CA LEU F 163 8.15 32.94 17.68
C LEU F 163 7.73 33.65 16.39
N GLY F 164 8.45 33.38 15.30
CA GLY F 164 8.24 34.14 14.08
C GLY F 164 6.86 33.90 13.47
N GLN F 165 6.31 34.94 12.88
CA GLN F 165 5.01 34.88 12.24
C GLN F 165 5.17 34.80 10.73
N PHE F 166 4.22 34.15 10.08
CA PHE F 166 4.13 34.20 8.64
C PHE F 166 3.54 35.55 8.24
N THR F 167 3.83 35.98 7.01
CA THR F 167 3.66 37.37 6.60
C THR F 167 2.60 37.50 5.52
N THR F 168 1.78 38.55 5.61
CA THR F 168 0.79 38.84 4.57
C THR F 168 1.46 38.91 3.21
N GLY F 169 0.88 38.22 2.24
CA GLY F 169 1.46 38.19 0.92
C GLY F 169 1.02 36.97 0.14
N ILE F 170 1.34 37.00 -1.15
CA ILE F 170 1.00 35.94 -2.08
C ILE F 170 2.22 35.07 -2.30
N GLY F 171 1.99 33.91 -2.91
CA GLY F 171 3.04 32.98 -3.26
C GLY F 171 3.02 31.71 -2.46
N GLY F 172 2.31 31.69 -1.33
CA GLY F 172 2.21 30.52 -0.50
C GLY F 172 2.96 30.65 0.80
N SER F 173 2.25 30.49 1.92
CA SER F 173 2.86 30.48 3.24
C SER F 173 2.41 29.24 3.96
N GLY F 174 3.35 28.59 4.66
CA GLY F 174 3.06 27.34 5.31
C GLY F 174 4.21 26.37 5.18
N PHE F 175 3.96 25.17 4.67
CA PHE F 175 5.03 24.18 4.59
C PHE F 175 4.71 23.09 3.57
N ASN F 176 5.78 22.57 2.97
CA ASN F 176 5.77 21.30 2.25
C ASN F 176 5.61 20.16 3.25
N PRO F 177 5.29 18.95 2.79
CA PRO F 177 5.12 17.83 3.73
C PRO F 177 6.39 17.59 4.54
N PHE F 178 6.19 17.19 5.79
CA PHE F 178 7.30 16.92 6.69
C PHE F 178 6.85 15.83 7.65
N SER F 179 7.79 15.34 8.45
CA SER F 179 7.45 14.30 9.41
C SER F 179 8.26 14.50 10.67
N ILE F 180 7.64 14.16 11.82
CA ILE F 180 8.26 14.28 13.13
C ILE F 180 7.94 13.03 13.94
N THR F 181 8.87 12.62 14.80
CA THR F 181 8.77 11.38 15.56
C THR F 181 9.16 11.65 17.01
N TYR F 182 8.39 11.12 17.96
CA TYR F 182 8.63 11.41 19.38
C TYR F 182 7.94 10.37 20.23
N MET F 183 8.47 10.15 21.44
CA MET F 183 7.72 9.40 22.44
C MET F 183 6.83 10.34 23.23
N VAL F 184 5.63 9.88 23.59
CA VAL F 184 4.73 10.73 24.35
C VAL F 184 5.34 11.09 25.71
#